data_4DQL
#
_entry.id   4DQL
#
_cell.length_a   190.665
_cell.length_b   190.665
_cell.length_c   74.332
_cell.angle_alpha   90.00
_cell.angle_beta   90.00
_cell.angle_gamma   120.00
#
_symmetry.space_group_name_H-M   'P 31 2 1'
#
loop_
_entity.id
_entity.type
_entity.pdbx_description
1 polymer 'Bifunctional P-450/NADPH-P450 reductase'
2 non-polymer 'FLAVIN-ADENINE DINUCLEOTIDE'
3 non-polymer 'NADP NICOTINAMIDE-ADENINE-DINUCLEOTIDE PHOSPHATE'
4 non-polymer 'SULFATE ION'
5 non-polymer 'PENTAETHYLENE GLYCOL'
6 non-polymer 'TETRAETHYLENE GLYCOL'
7 water water
#
_entity_poly.entity_id   1
_entity_poly.type   'polypeptide(L)'
_entity_poly.pdbx_seq_one_letter_code
;AKMHGAFSTNVVASKELQQPGSARSTRHLEIELPKEASYQEGDHLGVIPRNYEGIVNRVTARFGLDASQQIRLEAEEEKL
AHLPLAKTVSVEELLQYVELQDPVTRTQLRAMAAKTVCPPHKVELEALLEKQAYKEQVLAKRLTMLELLEKYPACEMKFS
EFIALLPSIRPRYYSISSSPRVDEKQASITVSVVSGEAWSGYGEYKGIASNYLAELQEGDTITCFISTPQSEFTLPKDPE
TPLIMVGPGTGVAPFRGFVQARKQLKEQGQSLGEAHLYFGCRSPHEDYLYQEELENAQSEGIITLHTAFSRMPNQPKTYV
QHVMEQDGKKLIELLDQGAHFYICGDGSQMAPAVEATLMKSYADVHQVSEADARLWLQQLEEKGRYAKDVWAG
;
_entity_poly.pdbx_strand_id   A,B
#
# COMPACT_ATOMS: atom_id res chain seq x y z
N GLY A 5 -2.80 50.90 -2.21
CA GLY A 5 -1.83 51.78 -1.39
C GLY A 5 -0.48 51.06 -1.38
N ALA A 6 0.37 51.43 -2.34
CA ALA A 6 1.47 50.57 -2.75
C ALA A 6 2.53 50.55 -1.67
N PHE A 7 3.26 49.44 -1.56
CA PHE A 7 4.35 49.32 -0.60
C PHE A 7 5.52 48.66 -1.32
N SER A 8 6.69 48.68 -0.68
CA SER A 8 7.89 48.17 -1.29
C SER A 8 8.41 47.01 -0.47
N THR A 9 8.69 45.90 -1.09
CA THR A 9 8.92 44.72 -0.33
C THR A 9 9.87 43.89 -1.11
N ASN A 10 10.35 42.78 -0.53
N ASN A 10 10.29 42.76 -0.57
CA ASN A 10 11.31 41.91 -1.20
CA ASN A 10 11.33 41.95 -1.17
C ASN A 10 10.73 40.68 -1.84
C ASN A 10 10.78 40.67 -1.80
N VAL A 11 11.38 40.30 -2.93
CA VAL A 11 11.16 39.03 -3.57
C VAL A 11 11.87 37.94 -2.78
N VAL A 12 11.13 36.90 -2.37
CA VAL A 12 11.76 35.79 -1.70
C VAL A 12 12.10 34.61 -2.56
N ALA A 13 11.39 34.45 -3.70
CA ALA A 13 11.73 33.42 -4.67
C ALA A 13 11.26 33.81 -6.07
N SER A 14 11.97 33.29 -7.07
CA SER A 14 11.71 33.63 -8.45
C SER A 14 12.25 32.49 -9.23
N LYS A 15 11.39 31.83 -10.02
CA LYS A 15 11.87 30.68 -10.72
C LYS A 15 10.97 30.33 -11.86
N GLU A 16 11.48 29.43 -12.70
CA GLU A 16 10.82 28.98 -13.91
C GLU A 16 9.92 27.77 -13.60
N LEU A 17 8.67 27.81 -14.11
CA LEU A 17 7.74 26.71 -13.95
C LEU A 17 7.72 25.77 -15.12
N GLN A 18 8.08 26.24 -16.31
CA GLN A 18 8.03 25.40 -17.45
C GLN A 18 9.34 24.57 -17.55
N GLN A 19 9.33 23.53 -18.39
CA GLN A 19 10.45 22.61 -18.47
C GLN A 19 11.60 23.12 -19.36
N PRO A 20 12.82 22.60 -19.11
CA PRO A 20 13.92 22.97 -20.00
C PRO A 20 13.54 22.59 -21.41
N GLY A 21 13.80 23.50 -22.31
CA GLY A 21 13.46 23.27 -23.70
C GLY A 21 12.13 23.83 -24.14
N SER A 22 11.27 24.26 -23.21
CA SER A 22 10.04 24.90 -23.69
C SER A 22 10.44 26.18 -24.38
N ALA A 23 9.72 26.53 -25.42
CA ALA A 23 9.89 27.82 -26.04
C ALA A 23 9.19 28.97 -25.22
N ARG A 24 8.50 28.65 -24.10
CA ARG A 24 7.76 29.65 -23.32
C ARG A 24 8.15 29.65 -21.91
N SER A 25 7.81 30.74 -21.22
CA SER A 25 8.14 30.87 -19.84
C SER A 25 6.94 31.26 -19.01
N THR A 26 6.88 30.72 -17.79
CA THR A 26 5.87 31.09 -16.81
C THR A 26 6.64 31.11 -15.55
N ARG A 27 6.54 32.17 -14.76
CA ARG A 27 7.34 32.33 -13.58
C ARG A 27 6.52 32.14 -12.33
N HIS A 28 7.15 31.69 -11.28
CA HIS A 28 6.60 31.62 -9.97
C HIS A 28 7.41 32.53 -9.12
N LEU A 29 6.77 33.43 -8.43
CA LEU A 29 7.45 34.37 -7.58
C LEU A 29 6.82 34.35 -6.23
N GLU A 30 7.63 34.44 -5.20
CA GLU A 30 7.11 34.61 -3.86
C GLU A 30 7.56 35.97 -3.35
N ILE A 31 6.63 36.66 -2.68
CA ILE A 31 6.80 38.04 -2.30
C ILE A 31 6.43 38.22 -0.85
N GLU A 32 7.24 38.96 -0.10
CA GLU A 32 7.03 39.09 1.35
C GLU A 32 6.02 40.18 1.60
N LEU A 33 5.16 40.03 2.60
CA LEU A 33 4.22 41.10 2.88
C LEU A 33 4.54 41.76 4.22
N PRO A 34 4.48 43.08 4.31
CA PRO A 34 4.65 43.71 5.63
C PRO A 34 3.42 43.50 6.56
N LYS A 35 3.57 43.89 7.83
CA LYS A 35 2.52 43.73 8.86
C LYS A 35 1.17 44.35 8.39
N GLU A 36 1.25 45.54 7.82
CA GLU A 36 0.05 46.29 7.45
C GLU A 36 -0.73 45.66 6.28
N ALA A 37 -0.13 44.70 5.58
CA ALA A 37 -0.81 44.09 4.43
C ALA A 37 -1.34 42.71 4.80
N SER A 38 -2.43 42.30 4.18
CA SER A 38 -2.95 40.95 4.32
C SER A 38 -3.70 40.56 3.05
N TYR A 39 -3.90 39.27 2.86
CA TYR A 39 -4.71 38.84 1.75
C TYR A 39 -5.52 37.60 2.02
N GLN A 40 -6.36 37.25 1.04
CA GLN A 40 -7.23 36.08 1.04
C GLN A 40 -7.08 35.38 -0.29
N GLU A 41 -7.40 34.10 -0.36
CA GLU A 41 -7.51 33.41 -1.65
C GLU A 41 -8.43 34.22 -2.54
N GLY A 42 -8.13 34.14 -3.84
CA GLY A 42 -8.83 34.91 -4.86
C GLY A 42 -8.43 36.37 -4.96
N ASP A 43 -7.59 36.88 -4.06
CA ASP A 43 -7.15 38.27 -4.18
C ASP A 43 -6.11 38.41 -5.31
N HIS A 44 -5.91 39.65 -5.74
CA HIS A 44 -4.88 39.98 -6.76
C HIS A 44 -3.74 40.75 -6.16
N LEU A 45 -2.55 40.56 -6.70
CA LEU A 45 -1.42 41.41 -6.44
C LEU A 45 -1.27 42.42 -7.60
N GLY A 46 -1.36 43.68 -7.25
CA GLY A 46 -1.11 44.78 -8.19
C GLY A 46 0.38 45.05 -8.19
N VAL A 47 1.02 44.96 -9.35
CA VAL A 47 2.45 45.20 -9.45
C VAL A 47 2.67 46.48 -10.29
N ILE A 48 3.46 47.41 -9.78
CA ILE A 48 3.90 48.60 -10.53
C ILE A 48 5.21 48.20 -11.20
N PRO A 49 5.18 48.06 -12.50
CA PRO A 49 6.33 47.48 -13.13
C PRO A 49 7.34 48.55 -13.52
N ARG A 50 8.53 48.07 -13.84
CA ARG A 50 9.54 48.88 -14.54
C ARG A 50 9.66 48.48 -15.98
N ASN A 51 10.08 49.46 -16.78
CA ASN A 51 10.26 49.27 -18.18
C ASN A 51 11.61 48.61 -18.40
N TYR A 52 11.64 47.57 -19.23
CA TYR A 52 12.84 46.86 -19.41
C TYR A 52 13.96 47.69 -20.18
N GLU A 53 15.18 47.31 -19.93
CA GLU A 53 16.34 48.00 -20.43
C GLU A 53 16.32 48.23 -21.94
N GLY A 54 16.02 47.20 -22.73
CA GLY A 54 15.99 47.33 -24.13
C GLY A 54 15.06 48.45 -24.64
N ILE A 55 13.94 48.65 -23.98
CA ILE A 55 12.99 49.60 -24.50
C ILE A 55 13.44 51.03 -24.06
N VAL A 56 13.95 51.15 -22.85
CA VAL A 56 14.51 52.37 -22.38
C VAL A 56 15.64 52.80 -23.36
N ASN A 57 16.45 51.84 -23.80
CA ASN A 57 17.64 52.15 -24.57
C ASN A 57 17.15 52.55 -25.97
N ARG A 58 15.97 52.08 -26.39
CA ARG A 58 15.48 52.53 -27.66
C ARG A 58 15.12 54.01 -27.63
N VAL A 59 14.52 54.44 -26.54
CA VAL A 59 14.18 55.87 -26.37
C VAL A 59 15.49 56.71 -26.35
N THR A 60 16.45 56.34 -25.54
CA THR A 60 17.63 57.15 -25.41
C THR A 60 18.44 57.18 -26.71
N ALA A 61 18.44 56.09 -27.49
CA ALA A 61 19.14 56.08 -28.79
C ALA A 61 18.40 57.05 -29.74
N ARG A 62 17.07 57.03 -29.69
CA ARG A 62 16.34 57.76 -30.66
C ARG A 62 16.53 59.29 -30.44
N PHE A 63 16.66 59.71 -29.18
CA PHE A 63 16.79 61.08 -28.89
C PHE A 63 18.28 61.54 -28.74
N GLY A 64 19.21 60.61 -28.86
CA GLY A 64 20.64 60.85 -28.75
C GLY A 64 21.07 61.21 -27.35
N LEU A 65 20.51 60.59 -26.34
CA LEU A 65 20.74 61.01 -25.01
C LEU A 65 21.45 59.92 -24.23
N ASP A 66 22.13 60.33 -23.19
CA ASP A 66 22.73 59.47 -22.21
C ASP A 66 21.66 59.09 -21.16
N ALA A 67 21.55 57.81 -20.87
CA ALA A 67 20.61 57.37 -19.83
C ALA A 67 20.73 58.18 -18.52
N SER A 68 21.96 58.55 -18.14
CA SER A 68 22.22 59.20 -16.85
C SER A 68 22.06 60.71 -16.85
N GLN A 69 21.78 61.31 -17.99
CA GLN A 69 21.67 62.77 -18.06
C GLN A 69 20.60 63.32 -17.14
N GLN A 70 21.01 64.21 -16.23
CA GLN A 70 20.09 64.87 -15.33
C GLN A 70 19.32 65.95 -16.00
N ILE A 71 17.98 65.94 -15.88
CA ILE A 71 17.14 66.98 -16.50
C ILE A 71 16.00 67.41 -15.64
N ARG A 72 15.43 68.56 -15.97
CA ARG A 72 14.31 69.10 -15.25
C ARG A 72 13.19 69.55 -16.19
N LEU A 73 11.98 68.99 -15.99
CA LEU A 73 10.82 69.35 -16.79
C LEU A 73 9.96 70.45 -16.19
N GLU A 74 9.23 71.17 -17.05
CA GLU A 74 8.53 72.42 -16.66
C GLU A 74 7.13 72.40 -17.27
N ALA A 86 9.08 69.79 -10.96
CA ALA A 86 10.29 70.63 -11.14
C ALA A 86 11.56 70.29 -10.23
N LYS A 87 11.90 69.01 -10.06
CA LYS A 87 13.22 68.57 -9.50
C LYS A 87 14.11 68.03 -10.68
N THR A 88 15.43 67.95 -10.46
CA THR A 88 16.22 67.22 -11.47
C THR A 88 16.27 65.72 -11.17
N VAL A 89 16.13 64.93 -12.26
CA VAL A 89 16.06 63.47 -12.31
C VAL A 89 16.67 62.94 -13.63
N SER A 90 17.30 61.78 -13.62
CA SER A 90 17.80 61.20 -14.84
C SER A 90 16.76 60.85 -15.92
N VAL A 91 17.23 60.87 -17.19
CA VAL A 91 16.46 60.47 -18.33
C VAL A 91 15.94 59.00 -18.08
N GLU A 92 16.84 58.09 -17.72
CA GLU A 92 16.48 56.66 -17.52
C GLU A 92 15.41 56.53 -16.42
N GLU A 93 15.46 57.35 -15.36
CA GLU A 93 14.42 57.36 -14.35
C GLU A 93 13.14 58.00 -14.73
N LEU A 94 13.16 59.06 -15.55
CA LEU A 94 11.90 59.59 -16.00
C LEU A 94 11.15 58.54 -16.81
N LEU A 95 11.89 57.67 -17.49
CA LEU A 95 11.30 56.70 -18.39
C LEU A 95 10.64 55.52 -17.67
N GLN A 96 10.73 55.53 -16.35
CA GLN A 96 10.08 54.53 -15.47
C GLN A 96 8.73 54.97 -14.97
N TYR A 97 8.32 56.14 -15.43
CA TYR A 97 7.06 56.70 -15.00
C TYR A 97 5.98 56.64 -16.02
N VAL A 98 6.30 56.27 -17.25
CA VAL A 98 5.39 56.33 -18.37
C VAL A 98 5.30 54.99 -19.10
N GLU A 99 4.18 54.82 -19.83
CA GLU A 99 3.99 53.72 -20.74
C GLU A 99 4.70 53.99 -22.02
N LEU A 100 5.49 53.01 -22.46
CA LEU A 100 6.28 53.13 -23.68
C LEU A 100 5.77 52.35 -24.89
N GLN A 101 4.70 51.55 -24.70
CA GLN A 101 4.20 50.76 -25.82
C GLN A 101 2.72 50.62 -25.89
N ASP A 102 2.04 51.66 -25.46
CA ASP A 102 0.64 51.84 -25.84
C ASP A 102 0.50 52.27 -27.28
N PRO A 103 -0.59 51.86 -27.94
CA PRO A 103 -0.84 52.41 -29.23
C PRO A 103 -0.72 53.92 -29.31
N VAL A 104 -0.23 54.41 -30.46
CA VAL A 104 -0.11 55.80 -30.63
C VAL A 104 -1.51 56.43 -30.61
N THR A 105 -1.66 57.55 -29.89
CA THR A 105 -2.94 58.28 -29.79
C THR A 105 -2.99 59.30 -30.86
N ARG A 106 -4.18 59.78 -31.15
CA ARG A 106 -4.32 60.80 -32.13
C ARG A 106 -3.58 62.14 -31.79
N THR A 107 -3.48 62.43 -30.50
CA THR A 107 -2.81 63.61 -29.99
C THR A 107 -1.31 63.43 -30.28
N GLN A 108 -0.77 62.24 -30.02
CA GLN A 108 0.59 61.89 -30.36
C GLN A 108 0.82 61.97 -31.85
N LEU A 109 -0.10 61.51 -32.70
CA LEU A 109 0.13 61.55 -34.11
C LEU A 109 0.19 63.01 -34.60
N ARG A 110 -0.80 63.81 -34.15
CA ARG A 110 -0.81 65.19 -34.51
C ARG A 110 0.49 65.92 -34.06
N ALA A 111 0.95 65.63 -32.85
CA ALA A 111 2.20 66.17 -32.40
C ALA A 111 3.36 65.80 -33.32
N MET A 112 3.38 64.55 -33.84
CA MET A 112 4.50 64.14 -34.68
C MET A 112 4.42 64.79 -36.02
N ALA A 113 3.19 64.85 -36.55
CA ALA A 113 2.97 65.43 -37.83
C ALA A 113 3.45 66.92 -37.79
N ALA A 114 3.13 67.67 -36.74
CA ALA A 114 3.49 69.11 -36.69
C ALA A 114 5.02 69.24 -36.71
N LYS A 115 5.77 68.21 -36.28
CA LYS A 115 7.22 68.30 -36.24
C LYS A 115 7.89 67.61 -37.37
N THR A 116 7.16 67.29 -38.42
CA THR A 116 7.72 66.44 -39.45
C THR A 116 8.11 67.28 -40.64
N VAL A 117 9.37 67.23 -41.09
CA VAL A 117 9.82 68.14 -42.16
C VAL A 117 10.01 67.47 -43.52
N CYS A 118 9.70 66.16 -43.63
CA CYS A 118 9.69 65.42 -44.92
C CYS A 118 8.22 65.30 -45.38
N PRO A 119 7.82 66.01 -46.42
CA PRO A 119 6.36 66.03 -46.67
C PRO A 119 5.64 64.68 -46.77
N PRO A 120 6.22 63.72 -47.50
CA PRO A 120 5.45 62.49 -47.63
C PRO A 120 5.28 61.81 -46.26
N HIS A 121 6.22 61.98 -45.33
CA HIS A 121 6.14 61.38 -44.03
C HIS A 121 5.01 62.03 -43.20
N LYS A 122 4.84 63.32 -43.34
CA LYS A 122 3.73 64.00 -42.73
C LYS A 122 2.36 63.54 -43.28
N VAL A 123 2.29 63.30 -44.59
CA VAL A 123 1.07 62.77 -45.21
C VAL A 123 0.75 61.41 -44.56
N GLU A 124 1.74 60.57 -44.36
CA GLU A 124 1.52 59.27 -43.79
C GLU A 124 1.02 59.35 -42.39
N LEU A 125 1.65 60.17 -41.56
CA LEU A 125 1.15 60.33 -40.21
C LEU A 125 -0.29 60.83 -40.10
N GLU A 126 -0.60 61.83 -40.91
CA GLU A 126 -1.92 62.38 -40.96
C GLU A 126 -2.93 61.34 -41.51
N ALA A 127 -2.51 60.46 -42.40
CA ALA A 127 -3.37 59.40 -42.88
C ALA A 127 -3.85 58.48 -41.78
N LEU A 128 -3.01 58.23 -40.78
CA LEU A 128 -3.37 57.40 -39.69
C LEU A 128 -4.42 57.97 -38.73
N LEU A 129 -4.74 59.26 -38.88
CA LEU A 129 -5.71 59.86 -38.00
C LEU A 129 -7.11 59.45 -38.44
N GLU A 130 -7.23 59.03 -39.69
CA GLU A 130 -8.53 58.73 -40.25
C GLU A 130 -9.09 57.52 -39.57
N LYS A 131 -10.42 57.45 -39.61
CA LYS A 131 -11.17 56.43 -38.86
C LYS A 131 -10.73 55.01 -39.18
N GLN A 132 -10.77 54.62 -40.44
CA GLN A 132 -10.41 53.24 -40.73
C GLN A 132 -8.93 52.94 -40.49
N ALA A 133 -8.03 53.79 -41.00
CA ALA A 133 -6.56 53.53 -40.83
C ALA A 133 -6.20 53.42 -39.39
N TYR A 134 -6.82 54.26 -38.56
CA TYR A 134 -6.46 54.28 -37.15
C TYR A 134 -6.85 52.95 -36.54
N LYS A 135 -8.08 52.51 -36.84
CA LYS A 135 -8.57 51.26 -36.33
C LYS A 135 -7.74 50.10 -36.83
N GLU A 136 -7.52 50.06 -38.10
CA GLU A 136 -6.90 48.87 -38.70
C GLU A 136 -5.37 48.89 -38.59
N GLN A 137 -4.72 50.07 -38.66
CA GLN A 137 -3.24 50.16 -38.77
C GLN A 137 -2.62 50.53 -37.43
N VAL A 138 -3.31 51.29 -36.56
CA VAL A 138 -2.82 51.59 -35.25
C VAL A 138 -3.38 50.67 -34.23
N LEU A 139 -4.70 50.64 -34.05
CA LEU A 139 -5.20 49.86 -32.87
C LEU A 139 -5.02 48.35 -33.06
N ALA A 140 -5.32 47.87 -34.25
CA ALA A 140 -5.36 46.35 -34.48
C ALA A 140 -3.92 45.86 -34.44
N LYS A 141 -2.95 46.74 -34.74
CA LYS A 141 -1.56 46.31 -34.67
C LYS A 141 -0.80 46.74 -33.45
N ARG A 142 -1.40 47.52 -32.61
CA ARG A 142 -0.65 48.10 -31.49
C ARG A 142 0.69 48.88 -31.82
N LEU A 143 0.56 49.70 -32.85
CA LEU A 143 1.61 50.56 -33.32
C LEU A 143 1.79 51.72 -32.34
N THR A 144 3.01 51.88 -31.81
CA THR A 144 3.32 52.85 -30.80
C THR A 144 3.98 54.19 -31.34
N MET A 145 3.97 55.25 -30.51
CA MET A 145 4.63 56.50 -30.83
C MET A 145 6.15 56.23 -31.06
N LEU A 146 6.76 55.49 -30.15
CA LEU A 146 8.17 55.17 -30.20
C LEU A 146 8.52 54.47 -31.51
N GLU A 147 7.68 53.55 -31.96
CA GLU A 147 7.96 52.84 -33.22
C GLU A 147 7.87 53.85 -34.32
N LEU A 148 6.87 54.75 -34.27
CA LEU A 148 6.80 55.67 -35.40
C LEU A 148 8.00 56.69 -35.35
N LEU A 149 8.47 57.07 -34.19
CA LEU A 149 9.66 57.96 -34.07
C LEU A 149 10.89 57.23 -34.67
N GLU A 150 10.98 55.93 -34.47
CA GLU A 150 12.08 55.12 -35.07
C GLU A 150 11.92 55.03 -36.57
N LYS A 151 10.70 54.92 -37.08
CA LYS A 151 10.51 54.96 -38.47
C LYS A 151 10.87 56.37 -39.01
N TYR A 152 10.67 57.44 -38.25
CA TYR A 152 10.78 58.79 -38.82
C TYR A 152 11.86 59.57 -38.06
N PRO A 153 13.12 59.17 -38.18
CA PRO A 153 14.23 59.80 -37.36
C PRO A 153 14.35 61.32 -37.56
N ALA A 154 13.86 61.82 -38.70
CA ALA A 154 13.82 63.23 -38.93
C ALA A 154 12.64 64.00 -38.29
N CYS A 155 11.57 63.29 -37.82
CA CYS A 155 10.53 63.94 -37.05
C CYS A 155 11.19 64.70 -35.90
N GLU A 156 10.88 65.97 -35.70
CA GLU A 156 11.72 66.78 -34.80
C GLU A 156 11.21 66.90 -33.37
N MET A 157 10.36 65.96 -32.98
CA MET A 157 9.92 65.94 -31.62
C MET A 157 11.14 65.82 -30.76
N LYS A 158 11.07 66.56 -29.64
N LYS A 158 11.17 66.49 -29.64
CA LYS A 158 12.03 66.57 -28.54
CA LYS A 158 12.28 66.21 -28.76
C LYS A 158 11.69 65.55 -27.44
C LYS A 158 11.75 65.62 -27.45
N PHE A 159 12.67 65.17 -26.65
CA PHE A 159 12.43 64.29 -25.54
C PHE A 159 11.43 64.82 -24.56
N SER A 160 11.50 66.11 -24.27
CA SER A 160 10.68 66.70 -23.25
C SER A 160 9.22 66.70 -23.69
N GLU A 161 8.97 66.78 -24.96
CA GLU A 161 7.64 66.74 -25.48
C GLU A 161 7.16 65.22 -25.53
N PHE A 162 8.03 64.30 -25.93
CA PHE A 162 7.73 62.86 -25.95
C PHE A 162 7.16 62.40 -24.60
N ILE A 163 7.94 62.62 -23.57
CA ILE A 163 7.64 62.25 -22.23
C ILE A 163 6.30 62.87 -21.75
N ALA A 164 6.00 64.10 -22.11
CA ALA A 164 4.80 64.73 -21.64
C ALA A 164 3.58 64.21 -22.36
N LEU A 165 3.72 63.62 -23.52
CA LEU A 165 2.57 63.12 -24.25
C LEU A 165 2.16 61.68 -23.83
N LEU A 166 2.95 61.02 -23.01
CA LEU A 166 2.71 59.65 -22.69
C LEU A 166 1.91 59.47 -21.42
N PRO A 167 1.21 58.34 -21.32
CA PRO A 167 0.47 58.10 -20.07
C PRO A 167 1.33 57.58 -18.97
N SER A 168 0.83 57.72 -17.78
CA SER A 168 1.49 57.29 -16.60
C SER A 168 1.50 55.76 -16.55
N ILE A 169 2.56 55.18 -15.99
CA ILE A 169 2.70 53.78 -16.01
C ILE A 169 1.64 53.10 -15.11
N ARG A 170 1.02 52.04 -15.61
CA ARG A 170 -0.11 51.40 -14.91
C ARG A 170 0.27 50.15 -14.20
N PRO A 171 -0.40 49.88 -13.10
CA PRO A 171 -0.26 48.60 -12.47
C PRO A 171 -0.74 47.43 -13.35
N ARG A 172 -0.10 46.30 -13.19
CA ARG A 172 -0.59 45.02 -13.72
C ARG A 172 -1.01 44.11 -12.55
N TYR A 173 -2.05 43.32 -12.77
CA TYR A 173 -2.67 42.46 -11.75
C TYR A 173 -2.38 40.95 -12.01
N TYR A 174 -2.04 40.27 -10.94
CA TYR A 174 -1.78 38.85 -10.91
C TYR A 174 -2.63 38.15 -9.83
N SER A 175 -3.20 37.02 -10.17
CA SER A 175 -4.03 36.21 -9.21
C SER A 175 -3.13 35.54 -8.21
N ILE A 176 -3.30 35.86 -6.94
CA ILE A 176 -2.41 35.27 -5.97
C ILE A 176 -2.64 33.77 -5.95
N SER A 177 -1.56 33.03 -5.94
CA SER A 177 -1.56 31.63 -6.11
C SER A 177 -1.15 30.88 -4.87
N SER A 178 -1.35 31.46 -3.72
CA SER A 178 -1.06 30.83 -2.45
C SER A 178 -2.20 31.19 -1.50
N SER A 179 -2.32 30.42 -0.42
CA SER A 179 -3.33 30.69 0.63
C SER A 179 -2.66 31.36 1.79
N PRO A 180 -3.29 32.35 2.41
CA PRO A 180 -2.66 32.94 3.57
C PRO A 180 -2.70 32.03 4.77
N ARG A 181 -3.41 30.91 4.67
CA ARG A 181 -3.46 29.92 5.76
C ARG A 181 -2.15 29.15 5.86
N VAL A 182 -1.30 29.26 4.84
CA VAL A 182 0.02 28.63 4.90
C VAL A 182 0.96 29.64 5.58
N ASP A 183 1.00 30.88 5.14
CA ASP A 183 1.83 31.93 5.74
C ASP A 183 1.16 33.24 5.36
N GLU A 184 0.60 33.95 6.34
CA GLU A 184 -0.21 35.16 6.09
C GLU A 184 0.59 36.29 5.50
N LYS A 185 1.90 36.29 5.68
CA LYS A 185 2.75 37.38 5.21
C LYS A 185 3.67 36.99 4.01
N GLN A 186 3.26 35.98 3.23
CA GLN A 186 3.93 35.67 1.99
C GLN A 186 2.90 35.25 0.95
N ALA A 187 3.04 35.79 -0.26
CA ALA A 187 2.08 35.56 -1.29
C ALA A 187 2.83 35.14 -2.54
N SER A 188 2.25 34.28 -3.36
CA SER A 188 2.90 33.88 -4.58
C SER A 188 2.10 34.35 -5.78
N ILE A 189 2.75 34.43 -6.93
CA ILE A 189 2.11 34.76 -8.15
C ILE A 189 2.68 33.93 -9.25
N THR A 190 1.92 33.80 -10.32
CA THR A 190 2.20 32.88 -11.38
C THR A 190 2.01 33.60 -12.68
N VAL A 191 3.12 33.84 -13.40
CA VAL A 191 3.17 34.86 -14.44
C VAL A 191 3.57 34.32 -15.75
N SER A 192 2.67 34.42 -16.69
CA SER A 192 2.98 34.05 -18.00
C SER A 192 3.80 35.23 -18.70
N VAL A 193 4.96 34.89 -19.26
CA VAL A 193 5.83 35.87 -19.85
C VAL A 193 5.42 36.13 -21.27
N VAL A 194 4.93 37.33 -21.53
CA VAL A 194 4.44 37.68 -22.83
C VAL A 194 5.63 38.07 -23.72
N SER A 195 5.73 37.42 -24.85
CA SER A 195 6.69 37.74 -25.88
C SER A 195 6.33 37.07 -27.20
N GLY A 196 6.75 37.65 -28.30
CA GLY A 196 6.41 37.20 -29.65
C GLY A 196 6.96 38.26 -30.60
N GLU A 197 6.72 38.07 -31.89
CA GLU A 197 6.99 39.08 -32.87
C GLU A 197 5.94 40.16 -32.69
N ALA A 198 6.37 41.42 -32.69
CA ALA A 198 5.45 42.54 -32.48
C ALA A 198 4.39 42.60 -33.57
N TRP A 199 3.12 42.70 -33.18
CA TRP A 199 2.06 42.82 -34.18
C TRP A 199 2.28 44.06 -35.08
N SER A 200 2.96 45.10 -34.57
CA SER A 200 3.23 46.29 -35.39
C SER A 200 4.23 46.03 -36.55
N GLY A 201 5.03 44.98 -36.38
CA GLY A 201 6.01 44.59 -37.36
C GLY A 201 7.38 45.07 -36.98
N TYR A 202 7.51 45.75 -35.85
CA TYR A 202 8.82 46.28 -35.45
C TYR A 202 9.48 45.38 -34.49
N GLY A 203 10.06 44.33 -35.01
CA GLY A 203 10.86 43.42 -34.18
C GLY A 203 10.08 42.57 -33.18
N GLU A 204 10.70 42.31 -32.05
CA GLU A 204 10.20 41.43 -31.06
C GLU A 204 9.50 42.23 -29.97
N TYR A 205 8.35 41.76 -29.52
CA TYR A 205 7.55 42.33 -28.43
C TYR A 205 7.78 41.62 -27.09
N LYS A 206 8.00 42.38 -26.04
CA LYS A 206 7.98 41.92 -24.66
C LYS A 206 6.97 42.72 -23.84
N GLY A 207 6.00 41.99 -23.22
CA GLY A 207 4.99 42.57 -22.32
C GLY A 207 5.75 43.23 -21.18
N ILE A 208 5.38 44.43 -20.75
CA ILE A 208 6.24 45.12 -19.76
C ILE A 208 6.33 44.49 -18.41
N ALA A 209 5.16 44.26 -17.77
CA ALA A 209 5.20 43.75 -16.36
C ALA A 209 5.68 42.28 -16.30
N SER A 210 5.29 41.48 -17.27
CA SER A 210 5.62 40.02 -17.22
C SER A 210 7.10 39.77 -17.42
N ASN A 211 7.73 40.53 -18.31
CA ASN A 211 9.23 40.48 -18.44
C ASN A 211 9.95 41.17 -17.29
N TYR A 212 9.36 42.21 -16.75
CA TYR A 212 9.94 42.77 -15.53
C TYR A 212 10.00 41.71 -14.43
N LEU A 213 8.83 41.11 -14.16
CA LEU A 213 8.75 40.08 -13.10
C LEU A 213 9.65 38.91 -13.41
N ALA A 214 9.72 38.54 -14.70
CA ALA A 214 10.56 37.44 -15.15
C ALA A 214 12.05 37.70 -14.84
N GLU A 215 12.47 38.98 -14.77
CA GLU A 215 13.88 39.32 -14.57
C GLU A 215 14.19 39.48 -13.04
N LEU A 216 13.15 39.59 -12.21
CA LEU A 216 13.44 39.74 -10.78
C LEU A 216 14.08 38.48 -10.21
N GLN A 217 14.93 38.63 -9.21
CA GLN A 217 15.55 37.49 -8.50
C GLN A 217 15.40 37.62 -7.01
N GLU A 218 15.69 36.56 -6.26
CA GLU A 218 15.69 36.66 -4.81
C GLU A 218 16.53 37.86 -4.34
N GLY A 219 15.96 38.61 -3.41
CA GLY A 219 16.61 39.77 -2.87
C GLY A 219 16.20 41.05 -3.54
N ASP A 220 15.60 41.01 -4.73
CA ASP A 220 15.17 42.24 -5.39
C ASP A 220 14.00 42.91 -4.69
N THR A 221 13.81 44.21 -4.87
CA THR A 221 12.66 44.86 -4.27
C THR A 221 11.52 44.99 -5.29
N ILE A 222 10.29 45.04 -4.80
CA ILE A 222 9.15 45.18 -5.70
C ILE A 222 8.16 46.13 -5.08
N THR A 223 7.53 46.97 -5.87
CA THR A 223 6.46 47.81 -5.36
C THR A 223 5.14 47.21 -5.84
N CYS A 224 4.23 46.98 -4.90
CA CYS A 224 3.00 46.24 -5.18
C CYS A 224 1.88 46.59 -4.16
N PHE A 225 0.68 46.03 -4.38
CA PHE A 225 -0.41 46.18 -3.45
C PHE A 225 -1.39 45.01 -3.55
N ILE A 226 -2.16 44.80 -2.49
CA ILE A 226 -3.19 43.77 -2.49
C ILE A 226 -4.45 44.39 -3.06
N SER A 227 -5.12 43.70 -3.98
CA SER A 227 -6.37 44.21 -4.56
C SER A 227 -7.44 43.11 -4.54
N THR A 228 -8.63 43.37 -3.99
CA THR A 228 -9.61 42.29 -3.92
C THR A 228 -10.54 42.53 -5.09
N PRO A 229 -10.84 41.51 -5.89
CA PRO A 229 -11.65 41.78 -7.07
C PRO A 229 -13.10 42.15 -6.75
N GLN A 230 -13.71 42.82 -7.69
CA GLN A 230 -15.12 43.24 -7.59
C GLN A 230 -16.00 41.99 -7.47
N SER A 231 -15.77 41.04 -8.37
CA SER A 231 -16.47 39.76 -8.32
C SER A 231 -15.64 38.81 -7.41
N GLU A 232 -16.24 38.46 -6.26
CA GLU A 232 -15.74 37.54 -5.23
C GLU A 232 -15.28 36.22 -5.89
N PHE A 233 -14.11 35.78 -5.52
CA PHE A 233 -13.59 34.54 -6.04
C PHE A 233 -13.04 33.78 -4.87
N THR A 234 -13.92 33.18 -4.07
CA THR A 234 -13.45 32.60 -2.81
C THR A 234 -14.02 31.23 -2.66
N LEU A 235 -13.42 30.41 -1.77
CA LEU A 235 -13.98 29.10 -1.43
C LEU A 235 -15.34 29.21 -0.74
N PRO A 236 -16.26 28.28 -1.01
CA PRO A 236 -17.44 28.25 -0.14
C PRO A 236 -17.08 28.24 1.34
N LYS A 237 -17.98 28.77 2.13
CA LYS A 237 -17.84 28.80 3.60
C LYS A 237 -17.69 27.42 4.22
N ASP A 238 -18.50 26.45 3.74
N ASP A 238 -18.43 26.46 3.67
CA ASP A 238 -18.43 25.05 4.19
CA ASP A 238 -18.43 25.12 4.18
C ASP A 238 -17.48 24.27 3.28
C ASP A 238 -17.52 24.23 3.29
N PRO A 239 -16.45 23.67 3.86
CA PRO A 239 -15.54 22.85 3.10
C PRO A 239 -16.12 21.58 2.51
N GLU A 240 -17.32 21.19 2.93
CA GLU A 240 -17.97 20.10 2.33
C GLU A 240 -18.74 20.46 1.07
N THR A 241 -19.02 21.74 0.82
CA THR A 241 -19.72 22.06 -0.41
C THR A 241 -18.78 21.69 -1.59
N PRO A 242 -19.28 20.95 -2.58
CA PRO A 242 -18.52 20.60 -3.69
C PRO A 242 -18.07 21.81 -4.60
N LEU A 243 -16.96 21.65 -5.33
CA LEU A 243 -16.33 22.69 -6.17
C LEU A 243 -15.99 22.12 -7.49
N ILE A 244 -16.15 22.92 -8.55
CA ILE A 244 -15.68 22.59 -9.89
C ILE A 244 -14.88 23.81 -10.30
N MET A 245 -13.60 23.58 -10.63
CA MET A 245 -12.61 24.64 -10.95
C MET A 245 -12.04 24.35 -12.33
N VAL A 246 -12.09 25.32 -13.26
CA VAL A 246 -11.59 25.21 -14.63
C VAL A 246 -10.57 26.27 -14.86
N GLY A 247 -9.29 25.86 -14.99
CA GLY A 247 -8.17 26.79 -15.05
C GLY A 247 -6.98 26.36 -15.90
N PRO A 248 -7.10 26.34 -17.20
CA PRO A 248 -5.95 25.90 -17.98
C PRO A 248 -4.83 26.92 -18.05
N GLY A 249 -3.59 26.43 -18.15
CA GLY A 249 -2.40 27.30 -18.23
C GLY A 249 -2.29 28.10 -16.97
N THR A 250 -2.03 29.39 -17.12
CA THR A 250 -1.87 30.29 -16.03
C THR A 250 -3.17 30.48 -15.26
N GLY A 251 -4.30 30.12 -15.85
CA GLY A 251 -5.56 30.07 -15.07
C GLY A 251 -5.56 29.17 -13.84
N VAL A 252 -4.55 28.30 -13.70
CA VAL A 252 -4.43 27.51 -12.51
C VAL A 252 -4.13 28.30 -11.33
N ALA A 253 -3.64 29.51 -11.51
CA ALA A 253 -3.10 30.24 -10.41
C ALA A 253 -3.98 30.36 -9.13
N PRO A 254 -5.17 30.92 -9.24
CA PRO A 254 -5.93 31.07 -8.00
C PRO A 254 -6.31 29.76 -7.37
N PHE A 255 -6.47 28.75 -8.19
CA PHE A 255 -6.80 27.44 -7.70
C PHE A 255 -5.69 26.72 -6.94
N ARG A 256 -4.45 27.10 -7.18
CA ARG A 256 -3.34 26.68 -6.34
C ARG A 256 -3.56 27.21 -4.96
N GLY A 257 -3.99 28.44 -4.84
CA GLY A 257 -4.34 28.98 -3.57
C GLY A 257 -5.45 28.18 -2.86
N PHE A 258 -6.53 27.83 -3.59
CA PHE A 258 -7.67 27.08 -3.07
C PHE A 258 -7.19 25.67 -2.61
N VAL A 259 -6.28 25.06 -3.37
CA VAL A 259 -5.69 23.78 -3.01
C VAL A 259 -4.90 23.86 -1.71
N GLN A 260 -4.09 24.90 -1.53
CA GLN A 260 -3.44 25.12 -0.28
C GLN A 260 -4.40 25.37 0.89
N ALA A 261 -5.50 26.08 0.66
CA ALA A 261 -6.38 26.38 1.78
C ALA A 261 -7.08 25.08 2.20
N ARG A 262 -7.52 24.29 1.20
CA ARG A 262 -8.19 23.04 1.52
C ARG A 262 -7.24 22.10 2.27
N LYS A 263 -6.00 21.97 1.80
CA LYS A 263 -4.97 21.20 2.54
C LYS A 263 -4.83 21.63 4.01
N GLN A 264 -4.81 22.91 4.32
CA GLN A 264 -4.75 23.31 5.73
C GLN A 264 -6.03 23.03 6.47
N LEU A 265 -7.17 23.08 5.77
CA LEU A 265 -8.41 22.88 6.46
C LEU A 265 -8.49 21.40 6.89
N LYS A 266 -8.02 20.50 6.04
CA LYS A 266 -7.96 19.08 6.35
C LYS A 266 -6.99 18.75 7.50
N GLU A 267 -5.88 19.47 7.61
CA GLU A 267 -4.86 19.18 8.60
C GLU A 267 -5.34 19.72 9.94
N GLN A 268 -6.25 20.70 9.89
CA GLN A 268 -6.96 21.20 11.08
C GLN A 268 -8.23 20.38 11.49
N GLY A 269 -8.42 19.21 10.90
CA GLY A 269 -9.55 18.34 11.22
C GLY A 269 -10.82 18.48 10.38
N GLN A 270 -10.90 19.46 9.49
CA GLN A 270 -12.15 19.60 8.79
C GLN A 270 -12.30 18.54 7.76
N SER A 271 -13.53 18.27 7.42
CA SER A 271 -13.79 17.25 6.48
C SER A 271 -14.04 17.91 5.06
N LEU A 272 -13.48 17.37 4.01
CA LEU A 272 -13.56 18.02 2.71
C LEU A 272 -14.50 17.30 1.80
N GLY A 273 -15.27 18.07 1.03
CA GLY A 273 -16.11 17.48 -0.01
C GLY A 273 -15.36 17.27 -1.33
N GLU A 274 -16.08 16.90 -2.35
CA GLU A 274 -15.52 16.83 -3.70
C GLU A 274 -15.00 18.20 -4.23
N ALA A 275 -13.89 18.15 -4.98
CA ALA A 275 -13.33 19.33 -5.68
C ALA A 275 -12.67 18.86 -6.98
N HIS A 276 -13.29 19.19 -8.12
CA HIS A 276 -12.75 18.78 -9.39
C HIS A 276 -11.94 19.96 -9.98
N LEU A 277 -10.66 19.73 -10.33
CA LEU A 277 -9.83 20.69 -11.03
C LEU A 277 -9.58 20.29 -12.44
N TYR A 278 -10.13 21.06 -13.39
CA TYR A 278 -9.89 20.82 -14.80
C TYR A 278 -8.69 21.71 -15.21
N PHE A 279 -7.56 21.07 -15.50
CA PHE A 279 -6.31 21.73 -15.89
C PHE A 279 -5.97 21.39 -17.32
N GLY A 280 -5.52 22.36 -18.11
CA GLY A 280 -5.14 22.09 -19.48
C GLY A 280 -3.81 22.78 -19.78
N CYS A 281 -2.97 22.11 -20.54
CA CYS A 281 -1.68 22.65 -21.08
C CYS A 281 -1.25 21.87 -22.33
N ARG A 282 -0.15 22.26 -22.96
CA ARG A 282 0.32 21.64 -24.19
C ARG A 282 0.77 20.20 -23.96
N SER A 283 1.59 20.00 -22.95
CA SER A 283 2.24 18.69 -22.75
C SER A 283 2.82 18.57 -21.37
N PRO A 284 2.82 17.37 -20.81
CA PRO A 284 3.49 17.21 -19.53
C PRO A 284 5.02 17.39 -19.68
N HIS A 285 5.55 17.37 -20.90
CA HIS A 285 7.03 17.59 -21.06
C HIS A 285 7.41 19.10 -21.21
N GLU A 286 6.45 20.02 -21.01
CA GLU A 286 6.63 21.39 -21.37
C GLU A 286 6.05 22.33 -20.31
N ASP A 287 4.73 22.30 -20.09
CA ASP A 287 4.08 23.40 -19.34
C ASP A 287 2.96 22.96 -18.37
N TYR A 288 3.12 21.77 -17.80
CA TYR A 288 2.22 21.28 -16.72
C TYR A 288 2.62 21.94 -15.45
N LEU A 289 2.16 23.19 -15.26
CA LEU A 289 2.50 23.94 -14.07
C LEU A 289 2.12 23.20 -12.77
N TYR A 290 2.94 23.33 -11.75
CA TYR A 290 2.71 22.77 -10.41
C TYR A 290 2.28 21.28 -10.46
N GLN A 291 2.73 20.54 -11.44
CA GLN A 291 2.29 19.15 -11.61
C GLN A 291 2.49 18.32 -10.35
N GLU A 292 3.66 18.41 -9.72
CA GLU A 292 3.89 17.62 -8.55
C GLU A 292 2.98 17.98 -7.39
N GLU A 293 2.81 19.28 -7.11
CA GLU A 293 1.95 19.68 -6.01
C GLU A 293 0.51 19.26 -6.31
N LEU A 294 0.09 19.37 -7.56
CA LEU A 294 -1.29 19.08 -7.87
C LEU A 294 -1.53 17.53 -7.83
N GLU A 295 -0.60 16.76 -8.36
CA GLU A 295 -0.61 15.27 -8.20
C GLU A 295 -0.60 14.84 -6.72
N ASN A 296 0.16 15.52 -5.88
CA ASN A 296 0.19 15.25 -4.48
C ASN A 296 -1.15 15.64 -3.81
N ALA A 297 -1.71 16.82 -4.15
CA ALA A 297 -3.03 17.17 -3.58
C ALA A 297 -4.04 16.10 -3.94
N GLN A 298 -4.00 15.58 -5.15
CA GLN A 298 -4.93 14.54 -5.52
C GLN A 298 -4.73 13.23 -4.67
N SER A 299 -3.48 12.84 -4.41
CA SER A 299 -3.13 11.63 -3.61
C SER A 299 -3.64 11.79 -2.22
N GLU A 300 -3.59 13.03 -1.75
CA GLU A 300 -3.99 13.37 -0.42
C GLU A 300 -5.50 13.62 -0.31
N GLY A 301 -6.27 13.40 -1.39
CA GLY A 301 -7.71 13.64 -1.36
C GLY A 301 -8.19 15.07 -1.29
N ILE A 302 -7.35 16.03 -1.70
CA ILE A 302 -7.72 17.47 -1.65
C ILE A 302 -8.54 17.84 -2.90
N ILE A 303 -8.24 17.20 -4.02
CA ILE A 303 -8.91 17.43 -5.31
C ILE A 303 -8.92 16.17 -6.10
N THR A 304 -9.80 16.12 -7.09
CA THR A 304 -9.73 15.21 -8.18
C THR A 304 -9.25 16.01 -9.42
N LEU A 305 -8.18 15.53 -10.10
CA LEU A 305 -7.49 16.28 -11.13
C LEU A 305 -7.84 15.73 -12.45
N HIS A 306 -8.20 16.59 -13.41
CA HIS A 306 -8.53 16.18 -14.75
C HIS A 306 -7.66 17.01 -15.68
N THR A 307 -6.86 16.37 -16.49
CA THR A 307 -5.90 17.10 -17.36
C THR A 307 -6.30 16.97 -18.77
N ALA A 308 -6.04 18.03 -19.53
CA ALA A 308 -6.29 18.06 -20.94
C ALA A 308 -4.97 18.51 -21.66
N PHE A 309 -4.40 17.64 -22.52
CA PHE A 309 -3.13 17.98 -23.24
C PHE A 309 -3.44 18.30 -24.66
N SER A 310 -3.05 19.47 -25.07
CA SER A 310 -3.40 19.91 -26.38
C SER A 310 -2.41 19.57 -27.52
N ARG A 311 -1.19 19.18 -27.21
CA ARG A 311 -0.15 19.03 -28.25
C ARG A 311 0.75 17.81 -27.95
N MET A 312 0.11 16.66 -27.77
CA MET A 312 0.78 15.38 -27.55
C MET A 312 0.84 14.60 -28.84
N PRO A 313 2.04 14.15 -29.21
CA PRO A 313 2.17 13.31 -30.38
C PRO A 313 1.26 12.08 -30.26
N ASN A 314 0.61 11.77 -31.34
CA ASN A 314 -0.25 10.58 -31.39
C ASN A 314 -1.57 10.60 -30.59
N GLN A 315 -1.92 11.76 -30.02
CA GLN A 315 -3.19 11.97 -29.30
C GLN A 315 -4.00 13.13 -29.86
N PRO A 316 -5.34 13.06 -29.77
CA PRO A 316 -6.10 14.23 -30.20
C PRO A 316 -5.82 15.45 -29.30
N LYS A 317 -5.84 16.61 -29.91
CA LYS A 317 -5.81 17.87 -29.17
C LYS A 317 -6.99 17.88 -28.18
N THR A 318 -6.72 18.00 -26.90
CA THR A 318 -7.77 17.93 -25.89
C THR A 318 -7.73 19.20 -25.07
N TYR A 319 -8.86 19.89 -25.00
CA TYR A 319 -9.04 21.05 -24.13
C TYR A 319 -9.90 20.71 -22.88
N VAL A 320 -9.83 21.54 -21.85
CA VAL A 320 -10.63 21.33 -20.68
C VAL A 320 -12.10 21.06 -20.99
N GLN A 321 -12.70 21.85 -21.87
CA GLN A 321 -14.12 21.64 -22.14
C GLN A 321 -14.44 20.30 -22.80
N HIS A 322 -13.49 19.68 -23.48
CA HIS A 322 -13.76 18.35 -24.04
C HIS A 322 -13.88 17.30 -22.89
N VAL A 323 -13.08 17.43 -21.87
CA VAL A 323 -13.20 16.58 -20.74
C VAL A 323 -14.50 16.92 -19.95
N MET A 324 -14.85 18.21 -19.80
CA MET A 324 -16.07 18.53 -19.08
C MET A 324 -17.25 17.97 -19.75
N GLU A 325 -17.26 17.97 -21.05
CA GLU A 325 -18.40 17.46 -21.74
C GLU A 325 -18.55 15.93 -21.54
N GLN A 326 -17.43 15.19 -21.48
CA GLN A 326 -17.47 13.73 -21.18
C GLN A 326 -18.06 13.54 -19.76
N ASP A 327 -17.69 14.43 -18.82
CA ASP A 327 -18.10 14.39 -17.40
C ASP A 327 -19.41 15.14 -17.07
N GLY A 328 -20.15 15.50 -18.07
CA GLY A 328 -21.27 16.39 -17.90
C GLY A 328 -22.31 15.94 -16.88
N LYS A 329 -22.63 14.66 -16.82
CA LYS A 329 -23.67 14.15 -15.90
C LYS A 329 -23.22 14.34 -14.47
N LYS A 330 -21.97 13.95 -14.19
CA LYS A 330 -21.42 14.19 -12.90
C LYS A 330 -21.31 15.67 -12.53
N LEU A 331 -20.97 16.56 -13.49
CA LEU A 331 -20.78 17.98 -13.09
C LEU A 331 -22.12 18.64 -12.79
N ILE A 332 -23.09 18.35 -13.64
CA ILE A 332 -24.46 18.86 -13.48
C ILE A 332 -25.12 18.26 -12.17
N GLU A 333 -24.94 16.96 -11.91
N GLU A 333 -24.92 16.97 -11.91
CA GLU A 333 -25.34 16.43 -10.58
CA GLU A 333 -25.28 16.41 -10.56
C GLU A 333 -24.72 17.23 -9.40
C GLU A 333 -24.71 17.24 -9.41
N LEU A 334 -23.42 17.51 -9.44
CA LEU A 334 -22.79 18.27 -8.35
C LEU A 334 -23.33 19.67 -8.20
N LEU A 335 -23.56 20.30 -9.34
CA LEU A 335 -24.16 21.64 -9.33
C LEU A 335 -25.59 21.61 -8.79
N ASP A 336 -26.41 20.63 -9.20
CA ASP A 336 -27.77 20.49 -8.64
C ASP A 336 -27.70 20.23 -7.10
N GLN A 337 -26.58 19.75 -6.58
CA GLN A 337 -26.37 19.56 -5.15
C GLN A 337 -25.72 20.69 -4.44
N GLY A 338 -25.54 21.80 -5.08
CA GLY A 338 -25.00 22.93 -4.36
C GLY A 338 -23.58 23.34 -4.73
N ALA A 339 -22.96 22.72 -5.72
CA ALA A 339 -21.53 23.02 -6.03
C ALA A 339 -21.36 24.48 -6.43
N HIS A 340 -20.22 25.04 -6.15
CA HIS A 340 -19.78 26.29 -6.81
C HIS A 340 -18.84 25.96 -7.99
N PHE A 341 -18.97 26.75 -9.04
CA PHE A 341 -18.24 26.61 -10.29
C PHE A 341 -17.36 27.84 -10.49
N TYR A 342 -16.09 27.62 -10.84
CA TYR A 342 -15.12 28.67 -10.98
C TYR A 342 -14.36 28.53 -12.31
N ILE A 343 -14.15 29.63 -13.04
CA ILE A 343 -13.32 29.62 -14.25
C ILE A 343 -12.24 30.66 -14.03
N CYS A 344 -10.99 30.31 -14.29
CA CYS A 344 -9.89 31.31 -14.33
C CYS A 344 -9.03 31.12 -15.56
N GLY A 345 -8.35 32.19 -15.93
CA GLY A 345 -7.44 32.17 -17.10
C GLY A 345 -7.95 33.01 -18.21
N ASP A 346 -7.79 32.52 -19.45
CA ASP A 346 -8.25 33.18 -20.65
C ASP A 346 -9.75 33.50 -20.82
N GLY A 347 -10.10 34.79 -20.79
CA GLY A 347 -11.49 35.22 -20.95
C GLY A 347 -11.92 35.39 -22.38
N SER A 348 -10.98 35.33 -23.33
CA SER A 348 -11.40 35.68 -24.69
C SER A 348 -11.95 34.51 -25.47
N GLN A 349 -11.35 33.34 -25.35
CA GLN A 349 -11.84 32.14 -26.08
C GLN A 349 -12.15 30.98 -25.09
N MET A 350 -11.26 30.68 -24.20
CA MET A 350 -11.47 29.53 -23.31
C MET A 350 -12.75 29.71 -22.45
N ALA A 351 -12.84 30.77 -21.68
CA ALA A 351 -13.98 30.95 -20.74
C ALA A 351 -15.33 30.90 -21.45
N PRO A 352 -15.51 31.55 -22.62
CA PRO A 352 -16.79 31.42 -23.23
C PRO A 352 -17.09 30.00 -23.71
N ALA A 353 -16.06 29.26 -24.10
CA ALA A 353 -16.33 27.93 -24.60
C ALA A 353 -16.67 26.98 -23.40
N VAL A 354 -16.01 27.16 -22.28
CA VAL A 354 -16.25 26.38 -21.09
C VAL A 354 -17.71 26.66 -20.62
N GLU A 355 -18.08 27.92 -20.62
CA GLU A 355 -19.48 28.30 -20.32
C GLU A 355 -20.46 27.66 -21.24
N ALA A 356 -20.18 27.68 -22.55
CA ALA A 356 -21.07 27.05 -23.51
C ALA A 356 -21.22 25.54 -23.29
N THR A 357 -20.14 24.88 -22.91
CA THR A 357 -20.11 23.43 -22.67
C THR A 357 -20.93 23.12 -21.40
N LEU A 358 -20.79 23.92 -20.36
CA LEU A 358 -21.53 23.71 -19.15
C LEU A 358 -23.05 23.81 -19.42
N MET A 359 -23.45 24.83 -20.18
CA MET A 359 -24.81 25.01 -20.49
C MET A 359 -25.35 23.93 -21.37
N LYS A 360 -24.52 23.45 -22.32
CA LYS A 360 -24.96 22.36 -23.12
C LYS A 360 -25.17 21.10 -22.28
N SER A 361 -24.28 20.86 -21.31
CA SER A 361 -24.39 19.72 -20.40
C SER A 361 -25.67 19.85 -19.58
N TYR A 362 -25.99 21.02 -19.08
CA TYR A 362 -27.27 21.22 -18.38
C TYR A 362 -28.48 20.90 -19.25
N ALA A 363 -28.53 21.43 -20.46
CA ALA A 363 -29.62 21.21 -21.39
C ALA A 363 -29.80 19.76 -21.72
N ASP A 364 -28.67 19.05 -21.94
CA ASP A 364 -28.68 17.65 -22.28
C ASP A 364 -29.15 16.76 -21.07
N VAL A 365 -28.59 17.01 -19.88
CA VAL A 365 -28.89 16.29 -18.66
C VAL A 365 -30.36 16.49 -18.25
N HIS A 366 -30.89 17.71 -18.39
CA HIS A 366 -32.21 18.01 -17.90
C HIS A 366 -33.29 18.14 -18.99
N GLN A 367 -32.92 17.83 -20.24
CA GLN A 367 -33.83 17.88 -21.35
C GLN A 367 -34.60 19.18 -21.35
N VAL A 368 -33.87 20.29 -21.34
CA VAL A 368 -34.44 21.59 -21.46
C VAL A 368 -33.77 22.39 -22.59
N SER A 369 -34.31 23.56 -22.89
CA SER A 369 -33.83 24.35 -24.01
C SER A 369 -32.54 25.09 -23.66
N GLU A 370 -31.90 25.64 -24.66
CA GLU A 370 -30.76 26.51 -24.39
C GLU A 370 -31.13 27.78 -23.63
N ALA A 371 -32.28 28.38 -23.87
CA ALA A 371 -32.69 29.56 -23.09
C ALA A 371 -32.82 29.22 -21.59
N ASP A 372 -33.36 28.05 -21.31
CA ASP A 372 -33.44 27.50 -19.96
C ASP A 372 -32.08 27.22 -19.33
N ALA A 373 -31.15 26.66 -20.10
CA ALA A 373 -29.81 26.53 -19.62
C ALA A 373 -29.20 27.92 -19.30
N ARG A 374 -29.41 28.93 -20.15
N ARG A 374 -29.46 28.90 -20.16
CA ARG A 374 -28.84 30.27 -19.87
CA ARG A 374 -28.93 30.27 -20.04
C ARG A 374 -29.47 30.85 -18.65
C ARG A 374 -29.50 30.89 -18.77
N LEU A 375 -30.77 30.65 -18.47
CA LEU A 375 -31.42 31.16 -17.25
C LEU A 375 -30.90 30.42 -15.99
N TRP A 376 -30.66 29.12 -16.13
CA TRP A 376 -30.03 28.36 -15.07
C TRP A 376 -28.72 28.96 -14.66
N LEU A 377 -27.85 29.23 -15.63
CA LEU A 377 -26.54 29.81 -15.32
C LEU A 377 -26.63 31.19 -14.75
N GLN A 378 -27.54 32.00 -15.30
CA GLN A 378 -27.80 33.35 -14.77
C GLN A 378 -28.16 33.28 -13.27
N GLN A 379 -29.03 32.35 -12.88
CA GLN A 379 -29.41 32.16 -11.46
C GLN A 379 -28.24 31.68 -10.61
N LEU A 380 -27.42 30.84 -11.20
CA LEU A 380 -26.23 30.33 -10.48
C LEU A 380 -25.30 31.48 -10.14
N GLU A 381 -25.10 32.40 -11.10
N GLU A 381 -25.11 32.40 -11.08
CA GLU A 381 -24.30 33.62 -10.91
CA GLU A 381 -24.30 33.58 -10.89
C GLU A 381 -24.96 34.48 -9.83
C GLU A 381 -24.95 34.46 -9.82
N GLU A 382 -26.27 34.65 -9.90
CA GLU A 382 -26.95 35.48 -8.92
C GLU A 382 -26.90 34.94 -7.51
N LYS A 383 -26.83 33.61 -7.35
CA LYS A 383 -26.63 32.96 -6.05
C LYS A 383 -25.22 33.02 -5.54
N GLY A 384 -24.30 33.54 -6.32
CA GLY A 384 -22.86 33.61 -5.92
C GLY A 384 -22.13 32.28 -6.17
N ARG A 385 -22.57 31.45 -7.14
CA ARG A 385 -22.00 30.10 -7.33
C ARG A 385 -21.36 29.84 -8.66
N TYR A 386 -21.16 30.90 -9.44
CA TYR A 386 -20.49 30.80 -10.70
C TYR A 386 -19.58 32.00 -10.81
N ALA A 387 -18.30 31.80 -10.58
CA ALA A 387 -17.40 32.92 -10.47
C ALA A 387 -16.30 32.81 -11.55
N LYS A 388 -15.84 33.97 -12.00
CA LYS A 388 -14.80 34.07 -13.01
C LYS A 388 -13.62 34.93 -12.52
N ASP A 389 -12.41 34.49 -12.81
CA ASP A 389 -11.20 35.31 -12.63
C ASP A 389 -10.48 35.25 -13.92
N VAL A 390 -10.98 35.96 -14.91
CA VAL A 390 -10.47 35.77 -16.24
C VAL A 390 -9.91 37.08 -16.79
N TRP A 391 -9.06 36.96 -17.81
CA TRP A 391 -8.41 38.16 -18.40
C TRP A 391 -8.10 37.87 -19.83
N ALA A 392 -7.98 38.92 -20.63
CA ALA A 392 -7.77 38.71 -22.06
C ALA A 392 -6.31 38.90 -22.35
N GLY A 393 -5.84 38.35 -23.47
CA GLY A 393 -4.40 38.05 -23.64
C GLY A 393 -3.75 38.37 -24.99
N LYS B 2 7.23 -16.23 13.70
CA LYS B 2 6.65 -15.26 14.73
C LYS B 2 5.55 -15.79 15.73
N MET B 3 4.50 -16.48 15.29
CA MET B 3 3.51 -17.04 16.27
C MET B 3 4.08 -18.17 17.21
N HIS B 4 3.54 -18.30 18.43
CA HIS B 4 3.99 -19.32 19.39
C HIS B 4 5.45 -19.23 19.82
N GLY B 5 6.06 -18.04 19.73
CA GLY B 5 7.45 -17.88 20.12
C GLY B 5 8.38 -18.65 19.19
N ALA B 6 7.94 -18.82 17.93
CA ALA B 6 8.60 -19.69 16.99
C ALA B 6 9.83 -18.97 16.47
N PHE B 7 10.80 -19.76 16.03
CA PHE B 7 12.06 -19.27 15.55
C PHE B 7 12.47 -20.12 14.33
N SER B 8 13.37 -19.56 13.54
CA SER B 8 13.79 -20.17 12.30
C SER B 8 15.15 -20.71 12.65
N THR B 9 15.42 -22.00 12.42
CA THR B 9 16.70 -22.57 12.83
C THR B 9 17.16 -23.64 11.83
N ASN B 10 18.26 -24.31 12.12
N ASN B 10 18.31 -24.26 12.09
CA ASN B 10 18.87 -25.21 11.17
CA ASN B 10 18.87 -25.25 11.16
C ASN B 10 18.78 -26.70 11.60
C ASN B 10 18.73 -26.71 11.61
N VAL B 11 18.50 -27.56 10.62
CA VAL B 11 18.53 -29.00 10.81
C VAL B 11 19.99 -29.42 10.84
N VAL B 12 20.43 -30.04 11.93
CA VAL B 12 21.81 -30.62 12.09
C VAL B 12 21.93 -32.08 11.58
N ALA B 13 20.86 -32.89 11.68
CA ALA B 13 20.90 -34.24 11.17
C ALA B 13 19.50 -34.69 10.83
N SER B 14 19.39 -35.60 9.89
CA SER B 14 18.17 -36.12 9.42
C SER B 14 18.43 -37.48 8.87
N LYS B 15 17.83 -38.54 9.40
CA LYS B 15 18.06 -39.87 8.84
C LYS B 15 17.00 -40.83 9.19
N GLU B 16 17.06 -41.98 8.48
CA GLU B 16 16.14 -43.12 8.60
C GLU B 16 16.47 -44.01 9.81
N LEU B 17 15.43 -44.36 10.56
CA LEU B 17 15.57 -45.24 11.71
C LEU B 17 15.18 -46.67 11.44
N GLN B 18 14.35 -46.92 10.44
CA GLN B 18 13.91 -48.25 10.18
C GLN B 18 14.94 -49.03 9.32
N GLN B 19 14.81 -50.34 9.28
CA GLN B 19 15.78 -51.21 8.62
C GLN B 19 15.55 -51.30 7.12
N PRO B 20 16.59 -51.71 6.38
CA PRO B 20 16.56 -51.79 4.94
C PRO B 20 15.36 -52.32 4.28
N GLY B 21 14.80 -53.37 4.77
CA GLY B 21 13.63 -53.83 3.99
C GLY B 21 12.29 -53.30 4.45
N SER B 22 12.28 -52.34 5.37
CA SER B 22 11.02 -51.90 5.92
C SER B 22 10.12 -51.24 4.91
N ALA B 23 8.82 -51.48 4.99
CA ALA B 23 7.86 -50.72 4.17
C ALA B 23 7.58 -49.31 4.76
N ARG B 24 8.00 -49.01 5.99
CA ARG B 24 7.63 -47.75 6.66
C ARG B 24 8.87 -46.96 6.95
N SER B 25 8.71 -45.66 7.24
CA SER B 25 9.84 -44.83 7.58
C SER B 25 9.55 -44.12 8.87
N THR B 26 10.59 -43.98 9.68
CA THR B 26 10.57 -43.20 10.91
C THR B 26 11.82 -42.43 10.85
N ARG B 27 11.74 -41.13 11.06
CA ARG B 27 12.94 -40.29 10.93
C ARG B 27 13.44 -39.85 12.28
N HIS B 28 14.77 -39.73 12.37
CA HIS B 28 15.43 -39.02 13.44
C HIS B 28 15.98 -37.69 12.91
N LEU B 29 15.56 -36.59 13.50
CA LEU B 29 16.13 -35.27 13.21
C LEU B 29 16.74 -34.63 14.45
N GLU B 30 17.86 -33.94 14.25
CA GLU B 30 18.46 -33.13 15.27
C GLU B 30 18.34 -31.68 14.79
N ILE B 31 17.87 -30.82 15.67
CA ILE B 31 17.65 -29.41 15.38
C ILE B 31 18.46 -28.54 16.32
N GLU B 32 19.09 -27.51 15.77
CA GLU B 32 19.88 -26.54 16.58
C GLU B 32 18.89 -25.60 17.22
N LEU B 33 19.12 -25.28 18.49
CA LEU B 33 18.32 -24.28 19.21
C LEU B 33 19.12 -22.98 19.39
N PRO B 34 18.48 -21.81 19.22
CA PRO B 34 19.21 -20.56 19.46
C PRO B 34 19.41 -20.32 20.96
N LYS B 35 20.32 -19.41 21.30
CA LYS B 35 20.57 -18.92 22.69
C LYS B 35 19.29 -18.64 23.46
N GLU B 36 18.30 -18.04 22.81
CA GLU B 36 17.06 -17.67 23.47
C GLU B 36 16.12 -18.86 23.78
N ALA B 37 16.37 -20.04 23.18
CA ALA B 37 15.48 -21.19 23.28
C ALA B 37 16.08 -22.17 24.25
N SER B 38 15.24 -22.95 24.89
CA SER B 38 15.67 -23.97 25.82
C SER B 38 14.58 -24.99 25.99
N TYR B 39 14.96 -26.16 26.43
CA TYR B 39 14.00 -27.23 26.62
C TYR B 39 14.34 -28.11 27.77
N GLN B 40 13.37 -28.91 28.18
N GLN B 40 13.32 -28.82 28.28
CA GLN B 40 13.51 -29.83 29.27
CA GLN B 40 13.47 -29.84 29.32
C GLN B 40 12.93 -31.13 28.78
C GLN B 40 13.02 -31.14 28.70
N GLU B 41 13.35 -32.26 29.36
CA GLU B 41 12.74 -33.56 28.99
C GLU B 41 11.24 -33.43 29.19
N GLY B 42 10.49 -34.14 28.38
CA GLY B 42 9.07 -33.99 28.37
C GLY B 42 8.51 -32.94 27.44
N ASP B 43 9.32 -32.03 26.99
CA ASP B 43 8.85 -30.99 26.08
C ASP B 43 8.59 -31.54 24.68
N HIS B 44 7.90 -30.71 23.91
CA HIS B 44 7.54 -30.97 22.54
C HIS B 44 8.18 -29.91 21.70
N LEU B 45 8.55 -30.27 20.46
CA LEU B 45 8.86 -29.32 19.44
C LEU B 45 7.62 -29.15 18.58
N GLY B 46 7.12 -27.93 18.48
CA GLY B 46 6.05 -27.55 17.54
C GLY B 46 6.65 -27.19 16.20
N VAL B 47 6.18 -27.80 15.15
CA VAL B 47 6.76 -27.58 13.85
C VAL B 47 5.71 -26.95 12.96
N ILE B 48 6.06 -25.86 12.34
CA ILE B 48 5.20 -25.21 11.32
C ILE B 48 5.53 -25.86 9.98
N PRO B 49 4.62 -26.61 9.40
CA PRO B 49 5.03 -27.35 8.25
C PRO B 49 4.82 -26.58 6.98
N ARG B 50 5.34 -27.14 5.89
CA ARG B 50 5.01 -26.66 4.55
C ARG B 50 4.26 -27.73 3.80
N ASN B 51 3.34 -27.32 2.95
CA ASN B 51 2.65 -28.23 2.12
C ASN B 51 3.56 -28.69 0.97
N TYR B 52 3.56 -29.97 0.65
CA TYR B 52 4.46 -30.51 -0.33
C TYR B 52 3.93 -30.10 -1.72
N GLU B 53 4.84 -30.14 -2.68
CA GLU B 53 4.59 -29.65 -4.05
C GLU B 53 3.45 -30.21 -4.74
N GLY B 54 3.31 -31.51 -4.62
CA GLY B 54 2.28 -32.24 -5.28
C GLY B 54 0.88 -31.72 -4.92
N ILE B 55 0.68 -31.35 -3.67
CA ILE B 55 -0.69 -30.98 -3.28
C ILE B 55 -0.93 -29.54 -3.65
N VAL B 56 0.08 -28.69 -3.52
CA VAL B 56 0.03 -27.30 -4.03
C VAL B 56 -0.27 -27.32 -5.56
N ASN B 57 0.40 -28.20 -6.33
CA ASN B 57 0.13 -28.30 -7.77
C ASN B 57 -1.25 -28.76 -8.12
N ARG B 58 -1.83 -29.62 -7.26
CA ARG B 58 -3.22 -30.00 -7.49
C ARG B 58 -4.15 -28.79 -7.39
N VAL B 59 -3.85 -27.89 -6.49
CA VAL B 59 -4.69 -26.72 -6.31
C VAL B 59 -4.50 -25.78 -7.54
N THR B 60 -3.29 -25.43 -7.89
CA THR B 60 -3.06 -24.50 -9.01
C THR B 60 -3.54 -25.11 -10.33
N ALA B 61 -3.47 -26.42 -10.47
CA ALA B 61 -4.01 -27.07 -11.64
C ALA B 61 -5.51 -26.92 -11.69
N ARG B 62 -6.18 -27.08 -10.52
CA ARG B 62 -7.62 -27.06 -10.51
C ARG B 62 -8.19 -25.64 -10.80
N PHE B 63 -7.51 -24.62 -10.33
CA PHE B 63 -7.93 -23.27 -10.57
C PHE B 63 -7.32 -22.62 -11.85
N GLY B 64 -6.55 -23.40 -12.60
CA GLY B 64 -5.89 -22.91 -13.83
C GLY B 64 -4.97 -21.73 -13.58
N LEU B 65 -4.21 -21.76 -12.50
CA LEU B 65 -3.40 -20.62 -12.15
C LEU B 65 -1.95 -20.92 -12.41
N ASP B 66 -1.28 -19.81 -12.64
CA ASP B 66 0.14 -19.68 -12.60
C ASP B 66 0.59 -19.56 -11.16
N ALA B 67 1.39 -20.51 -10.72
CA ALA B 67 1.90 -20.56 -9.34
C ALA B 67 2.63 -19.30 -8.81
N SER B 68 3.23 -18.54 -9.71
CA SER B 68 4.06 -17.44 -9.35
C SER B 68 3.24 -16.18 -9.48
N GLN B 69 2.02 -16.29 -9.93
CA GLN B 69 1.16 -15.13 -9.92
C GLN B 69 1.01 -14.46 -8.56
N GLN B 70 1.34 -13.16 -8.50
CA GLN B 70 1.10 -12.32 -7.35
C GLN B 70 -0.38 -11.92 -7.24
N ILE B 71 -0.95 -12.17 -6.07
CA ILE B 71 -2.34 -11.77 -5.87
C ILE B 71 -2.49 -11.11 -4.52
N ARG B 72 -3.56 -10.35 -4.35
N ARG B 72 -3.51 -10.28 -4.36
CA ARG B 72 -3.93 -9.73 -3.09
CA ARG B 72 -3.92 -9.77 -3.06
C ARG B 72 -5.38 -10.16 -2.77
C ARG B 72 -5.36 -10.22 -2.80
N LEU B 73 -5.56 -10.90 -1.68
CA LEU B 73 -6.91 -11.42 -1.30
C LEU B 73 -7.88 -10.46 -0.55
N LYS B 87 0.68 -5.93 0.96
CA LYS B 87 1.46 -6.38 -0.20
C LYS B 87 0.76 -7.55 -0.95
N THR B 88 1.31 -7.98 -2.07
CA THR B 88 0.81 -9.16 -2.73
C THR B 88 1.66 -10.37 -2.28
N VAL B 89 1.16 -11.56 -2.55
CA VAL B 89 1.86 -12.80 -2.30
C VAL B 89 1.62 -13.75 -3.48
N SER B 90 2.58 -14.63 -3.81
CA SER B 90 2.36 -15.51 -4.86
C SER B 90 1.24 -16.54 -4.46
N VAL B 91 0.57 -17.07 -5.46
CA VAL B 91 -0.41 -18.10 -5.33
C VAL B 91 0.21 -19.27 -4.57
N GLU B 92 1.40 -19.72 -4.99
CA GLU B 92 2.02 -20.91 -4.35
C GLU B 92 2.40 -20.64 -2.90
N GLU B 93 2.80 -19.42 -2.56
CA GLU B 93 3.08 -19.06 -1.18
C GLU B 93 1.82 -18.93 -0.31
N LEU B 94 0.72 -18.47 -0.89
CA LEU B 94 -0.56 -18.38 -0.13
C LEU B 94 -1.01 -19.78 0.31
N LEU B 95 -0.72 -20.76 -0.52
CA LEU B 95 -1.01 -22.14 -0.30
C LEU B 95 -0.16 -22.78 0.82
N GLN B 96 0.81 -22.03 1.35
CA GLN B 96 1.60 -22.48 2.50
C GLN B 96 0.95 -22.00 3.81
N TYR B 97 -0.12 -21.23 3.71
CA TYR B 97 -0.77 -20.62 4.92
C TYR B 97 -2.01 -21.40 5.39
N VAL B 98 -2.45 -22.38 4.59
CA VAL B 98 -3.67 -23.07 4.77
C VAL B 98 -3.51 -24.58 4.83
N GLU B 99 -4.50 -25.21 5.50
CA GLU B 99 -4.58 -26.65 5.51
C GLU B 99 -5.23 -27.10 4.25
N LEU B 100 -4.64 -28.10 3.55
CA LEU B 100 -5.22 -28.51 2.32
C LEU B 100 -5.87 -29.86 2.34
N GLN B 101 -5.82 -30.60 3.43
CA GLN B 101 -6.44 -31.94 3.42
C GLN B 101 -7.18 -32.29 4.72
N ASP B 102 -7.82 -31.28 5.32
CA ASP B 102 -8.85 -31.51 6.36
C ASP B 102 -10.09 -31.98 5.65
N PRO B 103 -10.91 -32.76 6.34
CA PRO B 103 -12.12 -33.17 5.73
C PRO B 103 -12.95 -31.97 5.36
N VAL B 104 -13.74 -32.08 4.29
CA VAL B 104 -14.60 -31.01 3.88
C VAL B 104 -15.62 -30.64 4.96
N THR B 105 -15.76 -29.35 5.26
CA THR B 105 -16.74 -28.92 6.21
C THR B 105 -18.07 -28.70 5.54
N ARG B 106 -19.08 -28.61 6.37
CA ARG B 106 -20.41 -28.37 5.96
C ARG B 106 -20.49 -27.00 5.28
N THR B 107 -19.81 -26.01 5.82
CA THR B 107 -19.75 -24.66 5.28
C THR B 107 -19.13 -24.74 3.87
N GLN B 108 -18.09 -25.59 3.70
CA GLN B 108 -17.43 -25.74 2.41
C GLN B 108 -18.37 -26.44 1.44
N LEU B 109 -19.03 -27.49 1.90
CA LEU B 109 -19.91 -28.22 1.02
C LEU B 109 -21.05 -27.28 0.54
N ARG B 110 -21.62 -26.47 1.43
CA ARG B 110 -22.68 -25.57 0.97
C ARG B 110 -22.14 -24.52 -0.07
N ALA B 111 -20.90 -24.07 0.15
CA ALA B 111 -20.29 -23.07 -0.72
C ALA B 111 -20.12 -23.71 -2.07
N MET B 112 -19.77 -25.01 -2.12
CA MET B 112 -19.60 -25.67 -3.38
C MET B 112 -20.94 -25.88 -4.11
N ALA B 113 -21.94 -26.28 -3.32
CA ALA B 113 -23.27 -26.45 -3.84
C ALA B 113 -23.83 -25.15 -4.47
N ALA B 114 -23.65 -24.00 -3.85
CA ALA B 114 -24.16 -22.77 -4.38
C ALA B 114 -23.38 -22.35 -5.67
N LYS B 115 -22.26 -23.00 -5.99
CA LYS B 115 -21.52 -22.63 -7.21
C LYS B 115 -21.65 -23.72 -8.21
N THR B 116 -22.55 -24.66 -8.01
CA THR B 116 -22.61 -25.82 -8.90
C THR B 116 -23.70 -25.59 -9.94
N VAL B 117 -23.39 -25.79 -11.22
CA VAL B 117 -24.32 -25.42 -12.28
C VAL B 117 -24.83 -26.66 -12.98
N CYS B 118 -24.34 -27.84 -12.58
CA CYS B 118 -24.84 -29.14 -12.99
C CYS B 118 -25.82 -29.69 -11.89
N PRO B 119 -27.16 -29.59 -12.11
CA PRO B 119 -28.11 -29.96 -11.05
C PRO B 119 -27.84 -31.27 -10.29
N PRO B 120 -27.56 -32.38 -10.97
CA PRO B 120 -27.37 -33.60 -10.20
C PRO B 120 -26.18 -33.55 -9.29
N HIS B 121 -25.18 -32.71 -9.63
CA HIS B 121 -23.96 -32.67 -8.86
C HIS B 121 -24.24 -31.89 -7.64
N LYS B 122 -25.13 -30.93 -7.75
CA LYS B 122 -25.46 -30.17 -6.59
C LYS B 122 -26.24 -31.03 -5.55
N VAL B 123 -27.13 -31.91 -6.03
CA VAL B 123 -27.84 -32.78 -5.10
C VAL B 123 -26.83 -33.73 -4.43
N GLU B 124 -25.84 -34.22 -5.21
CA GLU B 124 -24.81 -35.08 -4.61
C GLU B 124 -24.06 -34.44 -3.49
N LEU B 125 -23.74 -33.17 -3.65
CA LEU B 125 -23.01 -32.44 -2.68
C LEU B 125 -23.89 -32.21 -1.47
N GLU B 126 -25.13 -31.81 -1.71
CA GLU B 126 -26.07 -31.59 -0.64
C GLU B 126 -26.40 -32.91 0.14
N ALA B 127 -26.27 -34.06 -0.47
CA ALA B 127 -26.49 -35.29 0.21
C ALA B 127 -25.39 -35.52 1.30
N LEU B 128 -24.18 -34.97 1.10
CA LEU B 128 -23.12 -35.10 2.04
C LEU B 128 -23.38 -34.31 3.32
N LEU B 129 -24.35 -33.39 3.30
CA LEU B 129 -24.64 -32.58 4.46
C LEU B 129 -25.46 -33.33 5.52
N GLU B 130 -26.09 -34.42 5.15
CA GLU B 130 -26.91 -35.18 6.10
C GLU B 130 -25.95 -35.90 7.11
N LYS B 131 -26.38 -35.91 8.36
CA LYS B 131 -25.60 -36.49 9.48
C LYS B 131 -24.87 -37.76 9.16
N GLN B 132 -25.56 -38.76 8.66
CA GLN B 132 -24.97 -40.06 8.47
C GLN B 132 -24.03 -40.09 7.32
N ALA B 133 -24.47 -39.55 6.18
CA ALA B 133 -23.57 -39.43 5.00
C ALA B 133 -22.34 -38.63 5.35
N TYR B 134 -22.49 -37.56 6.07
CA TYR B 134 -21.33 -36.76 6.44
C TYR B 134 -20.34 -37.62 7.29
N LYS B 135 -20.87 -38.32 8.30
CA LYS B 135 -20.03 -39.23 9.10
C LYS B 135 -19.36 -40.33 8.33
N GLU B 136 -20.09 -41.00 7.46
CA GLU B 136 -19.52 -42.18 6.82
C GLU B 136 -18.74 -41.89 5.55
N GLN B 137 -19.16 -40.84 4.83
CA GLN B 137 -18.52 -40.49 3.52
C GLN B 137 -17.51 -39.36 3.63
N VAL B 138 -17.74 -38.38 4.48
CA VAL B 138 -16.74 -37.35 4.64
C VAL B 138 -15.78 -37.69 5.78
N LEU B 139 -16.29 -37.84 6.99
CA LEU B 139 -15.38 -37.96 8.20
C LEU B 139 -14.59 -39.23 8.24
N ALA B 140 -15.26 -40.33 7.98
CA ALA B 140 -14.57 -41.59 8.05
C ALA B 140 -13.56 -41.78 6.94
N LYS B 141 -13.81 -41.18 5.78
N LYS B 141 -13.81 -41.17 5.79
CA LYS B 141 -12.91 -41.33 4.64
CA LYS B 141 -12.93 -41.33 4.65
C LYS B 141 -11.97 -40.14 4.52
C LYS B 141 -11.97 -40.14 4.52
N ARG B 142 -12.10 -39.15 5.39
CA ARG B 142 -11.31 -37.91 5.31
C ARG B 142 -11.28 -37.34 3.87
N LEU B 143 -12.47 -37.27 3.31
CA LEU B 143 -12.75 -36.60 2.02
C LEU B 143 -12.65 -35.08 2.13
N THR B 144 -11.76 -34.50 1.32
CA THR B 144 -11.47 -33.09 1.40
C THR B 144 -12.21 -32.19 0.35
N MET B 145 -12.23 -30.90 0.61
CA MET B 145 -12.72 -29.94 -0.37
C MET B 145 -11.94 -30.03 -1.69
N LEU B 146 -10.61 -30.08 -1.66
CA LEU B 146 -9.79 -30.15 -2.83
C LEU B 146 -10.20 -31.37 -3.62
N GLU B 147 -10.39 -32.50 -2.96
CA GLU B 147 -10.72 -33.69 -3.70
C GLU B 147 -12.10 -33.54 -4.40
N LEU B 148 -13.05 -32.91 -3.74
CA LEU B 148 -14.36 -32.73 -4.36
C LEU B 148 -14.35 -31.71 -5.52
N LEU B 149 -13.55 -30.71 -5.42
CA LEU B 149 -13.31 -29.80 -6.54
C LEU B 149 -12.68 -30.54 -7.69
N GLU B 150 -11.82 -31.52 -7.42
CA GLU B 150 -11.32 -32.36 -8.49
C GLU B 150 -12.41 -33.24 -9.08
N LYS B 151 -13.32 -33.73 -8.24
CA LYS B 151 -14.46 -34.50 -8.71
C LYS B 151 -15.40 -33.63 -9.59
N TYR B 152 -15.53 -32.36 -9.25
CA TYR B 152 -16.49 -31.47 -9.87
C TYR B 152 -15.74 -30.26 -10.47
N PRO B 153 -15.05 -30.47 -11.58
CA PRO B 153 -14.30 -29.32 -12.20
C PRO B 153 -15.18 -28.18 -12.65
N ALA B 154 -16.47 -28.44 -12.84
CA ALA B 154 -17.33 -27.37 -13.32
C ALA B 154 -17.88 -26.61 -12.18
N CYS B 155 -17.67 -27.02 -10.92
CA CYS B 155 -18.07 -26.17 -9.78
C CYS B 155 -17.36 -24.80 -9.89
N GLU B 156 -18.06 -23.68 -9.75
CA GLU B 156 -17.52 -22.34 -10.11
C GLU B 156 -16.92 -21.57 -9.00
N MET B 157 -16.50 -22.29 -7.97
CA MET B 157 -15.81 -21.65 -6.88
C MET B 157 -14.47 -21.10 -7.42
N LYS B 158 -14.14 -19.94 -6.92
N LYS B 158 -14.07 -19.97 -6.97
CA LYS B 158 -12.84 -19.31 -7.24
CA LYS B 158 -12.76 -19.58 -7.45
C LYS B 158 -11.76 -19.54 -6.20
C LYS B 158 -11.77 -19.44 -6.26
N PHE B 159 -10.52 -19.32 -6.62
CA PHE B 159 -9.43 -19.45 -5.77
C PHE B 159 -9.60 -18.64 -4.49
N SER B 160 -9.93 -17.35 -4.60
CA SER B 160 -10.00 -16.48 -3.43
C SER B 160 -11.02 -17.02 -2.40
N GLU B 161 -12.10 -17.58 -2.89
N GLU B 161 -12.10 -17.60 -2.88
CA GLU B 161 -13.10 -18.24 -2.05
CA GLU B 161 -13.08 -18.24 -2.02
C GLU B 161 -12.53 -19.51 -1.40
C GLU B 161 -12.55 -19.53 -1.39
N PHE B 162 -11.90 -20.37 -2.20
CA PHE B 162 -11.27 -21.57 -1.70
C PHE B 162 -10.36 -21.25 -0.49
N ILE B 163 -9.44 -20.31 -0.64
CA ILE B 163 -8.49 -19.92 0.39
C ILE B 163 -9.27 -19.42 1.66
N ALA B 164 -10.28 -18.58 1.43
CA ALA B 164 -10.95 -17.99 2.53
C ALA B 164 -11.72 -19.03 3.36
N LEU B 165 -12.16 -20.13 2.76
CA LEU B 165 -12.90 -21.15 3.42
C LEU B 165 -11.99 -22.11 4.23
N LEU B 166 -10.68 -22.01 4.09
CA LEU B 166 -9.81 -23.07 4.63
C LEU B 166 -9.24 -22.61 5.96
N PRO B 167 -9.00 -23.54 6.90
CA PRO B 167 -8.31 -23.05 8.08
C PRO B 167 -6.84 -22.71 7.87
N SER B 168 -6.30 -21.91 8.76
CA SER B 168 -4.90 -21.60 8.79
C SER B 168 -4.08 -22.86 9.13
N ILE B 169 -2.89 -22.97 8.59
CA ILE B 169 -2.18 -24.20 8.74
C ILE B 169 -1.70 -24.31 10.23
N ARG B 170 -1.76 -25.50 10.79
CA ARG B 170 -1.49 -25.67 12.23
C ARG B 170 -0.13 -26.24 12.48
N PRO B 171 0.42 -25.95 13.62
CA PRO B 171 1.64 -26.63 13.94
C PRO B 171 1.40 -28.10 14.29
N ARG B 172 2.39 -28.95 14.10
CA ARG B 172 2.32 -30.29 14.62
C ARG B 172 3.37 -30.39 15.71
N TYR B 173 3.07 -31.20 16.69
CA TYR B 173 3.87 -31.39 17.88
C TYR B 173 4.62 -32.72 17.83
N TYR B 174 5.87 -32.68 18.23
CA TYR B 174 6.74 -33.89 18.27
C TYR B 174 7.44 -33.98 19.63
N SER B 175 7.49 -35.17 20.22
CA SER B 175 8.03 -35.34 21.59
C SER B 175 9.50 -35.31 21.52
N ILE B 176 10.15 -34.39 22.23
CA ILE B 176 11.63 -34.23 22.09
C ILE B 176 12.32 -35.53 22.66
N SER B 177 13.20 -36.12 21.89
CA SER B 177 13.69 -37.45 22.13
C SER B 177 15.17 -37.43 22.56
N SER B 178 15.60 -36.32 23.15
CA SER B 178 16.93 -36.15 23.68
C SER B 178 16.80 -35.44 24.99
N SER B 179 17.88 -35.47 25.77
CA SER B 179 17.92 -34.74 27.04
C SER B 179 18.77 -33.50 26.90
N PRO B 180 18.30 -32.37 27.44
CA PRO B 180 19.17 -31.21 27.46
C PRO B 180 20.46 -31.36 28.32
N ARG B 181 20.57 -32.43 29.11
CA ARG B 181 21.77 -32.66 29.90
C ARG B 181 22.90 -33.10 29.00
N VAL B 182 22.64 -33.59 27.80
CA VAL B 182 23.72 -33.94 26.85
C VAL B 182 24.16 -32.68 26.11
N ASP B 183 23.20 -32.03 25.44
CA ASP B 183 23.48 -30.77 24.75
C ASP B 183 22.27 -29.87 24.83
N GLU B 184 22.39 -28.78 25.58
CA GLU B 184 21.25 -27.96 25.91
C GLU B 184 20.75 -27.23 24.67
N LYS B 185 21.54 -27.23 23.60
CA LYS B 185 21.28 -26.44 22.40
C LYS B 185 21.01 -27.26 21.15
N GLN B 186 20.82 -28.56 21.31
CA GLN B 186 20.33 -29.38 20.24
C GLN B 186 19.22 -30.29 20.77
N ALA B 187 18.12 -30.39 20.05
CA ALA B 187 16.99 -31.24 20.43
C ALA B 187 16.76 -32.27 19.32
N SER B 188 16.29 -33.48 19.63
CA SER B 188 15.98 -34.40 18.55
C SER B 188 14.51 -34.67 18.59
N ILE B 189 13.99 -35.09 17.44
CA ILE B 189 12.66 -35.64 17.34
C ILE B 189 12.62 -36.94 16.54
N THR B 190 11.52 -37.68 16.66
CA THR B 190 11.41 -39.02 16.16
C THR B 190 10.07 -39.11 15.43
N VAL B 191 10.08 -39.18 14.11
CA VAL B 191 8.91 -38.83 13.34
C VAL B 191 8.49 -39.98 12.49
N SER B 192 7.30 -40.53 12.79
CA SER B 192 6.71 -41.53 11.98
C SER B 192 6.15 -40.91 10.68
N VAL B 193 6.48 -41.46 9.52
CA VAL B 193 6.10 -40.82 8.30
C VAL B 193 4.77 -41.38 7.83
N VAL B 194 3.76 -40.52 7.69
CA VAL B 194 2.40 -40.93 7.39
C VAL B 194 2.29 -40.98 5.87
N SER B 195 2.03 -42.15 5.34
CA SER B 195 2.02 -42.39 3.91
C SER B 195 1.16 -43.61 3.66
N GLY B 196 0.29 -43.54 2.68
CA GLY B 196 -0.50 -44.68 2.31
C GLY B 196 -1.46 -44.27 1.19
N GLU B 197 -2.46 -45.10 0.95
CA GLU B 197 -3.48 -44.91 -0.02
C GLU B 197 -4.53 -44.10 0.68
N ALA B 198 -4.89 -42.99 0.08
CA ALA B 198 -5.83 -42.08 0.70
C ALA B 198 -7.11 -42.86 0.96
N TRP B 199 -7.70 -42.62 2.14
CA TRP B 199 -8.91 -43.28 2.52
C TRP B 199 -10.05 -42.77 1.66
N SER B 200 -9.92 -41.59 1.09
CA SER B 200 -10.99 -41.00 0.23
C SER B 200 -11.10 -41.68 -1.15
N GLY B 201 -10.07 -42.41 -1.51
CA GLY B 201 -10.00 -43.07 -2.83
C GLY B 201 -9.17 -42.26 -3.85
N TYR B 202 -8.79 -41.03 -3.49
CA TYR B 202 -8.06 -40.13 -4.37
C TYR B 202 -6.55 -40.25 -4.27
N GLY B 203 -6.02 -41.34 -4.81
CA GLY B 203 -4.57 -41.48 -4.98
C GLY B 203 -3.85 -41.77 -3.64
N GLU B 204 -2.59 -41.42 -3.61
CA GLU B 204 -1.72 -41.61 -2.52
C GLU B 204 -1.83 -40.46 -1.50
N TYR B 205 -1.77 -40.78 -0.21
CA TYR B 205 -1.89 -39.79 0.87
C TYR B 205 -0.53 -39.63 1.50
N LYS B 206 -0.18 -38.37 1.76
CA LYS B 206 1.01 -38.07 2.55
C LYS B 206 0.66 -37.11 3.68
N GLY B 207 1.04 -37.45 4.90
CA GLY B 207 0.76 -36.57 6.04
C GLY B 207 1.60 -35.36 5.88
N ILE B 208 1.06 -34.19 6.14
CA ILE B 208 1.79 -32.96 5.77
C ILE B 208 3.12 -32.75 6.50
N ALA B 209 3.07 -32.63 7.81
CA ALA B 209 4.26 -32.33 8.55
C ALA B 209 5.27 -33.49 8.53
N SER B 210 4.79 -34.72 8.63
CA SER B 210 5.76 -35.84 8.77
C SER B 210 6.53 -36.03 7.42
N ASN B 211 5.89 -35.78 6.28
CA ASN B 211 6.60 -35.82 4.99
C ASN B 211 7.49 -34.60 4.77
N TYR B 212 7.03 -33.43 5.25
CA TYR B 212 7.86 -32.23 5.24
C TYR B 212 9.14 -32.52 6.05
N LEU B 213 8.99 -33.10 7.26
CA LEU B 213 10.13 -33.37 8.07
C LEU B 213 11.04 -34.42 7.40
N ALA B 214 10.44 -35.40 6.74
CA ALA B 214 11.13 -36.54 6.12
C ALA B 214 12.05 -36.11 4.99
N GLU B 215 11.73 -34.98 4.38
CA GLU B 215 12.52 -34.45 3.29
C GLU B 215 13.56 -33.42 3.64
N LEU B 216 13.63 -32.99 4.89
CA LEU B 216 14.67 -32.08 5.30
C LEU B 216 16.04 -32.74 5.30
N GLN B 217 17.07 -31.95 4.97
CA GLN B 217 18.50 -32.38 4.92
C GLN B 217 19.28 -31.50 5.88
N GLU B 218 20.41 -32.02 6.32
CA GLU B 218 21.36 -31.24 7.07
C GLU B 218 21.51 -29.88 6.38
N GLY B 219 21.46 -28.81 7.16
CA GLY B 219 21.63 -27.49 6.61
C GLY B 219 20.36 -26.79 6.18
N ASP B 220 19.24 -27.52 6.03
CA ASP B 220 17.94 -26.87 5.75
C ASP B 220 17.47 -26.07 6.95
N THR B 221 16.55 -25.15 6.71
N THR B 221 16.51 -25.20 6.68
CA THR B 221 16.05 -24.26 7.74
CA THR B 221 15.97 -24.27 7.64
C THR B 221 14.64 -24.75 8.05
C THR B 221 14.65 -24.86 8.06
N ILE B 222 14.24 -24.63 9.29
CA ILE B 222 12.93 -25.08 9.77
C ILE B 222 12.41 -24.02 10.74
N THR B 223 11.10 -23.79 10.79
CA THR B 223 10.47 -22.93 11.75
C THR B 223 9.76 -23.77 12.80
N CYS B 224 10.07 -23.54 14.05
CA CYS B 224 9.57 -24.39 15.14
C CYS B 224 9.58 -23.67 16.45
N PHE B 225 8.89 -24.21 17.45
CA PHE B 225 8.93 -23.66 18.80
C PHE B 225 9.01 -24.76 19.87
N ILE B 226 9.38 -24.41 21.11
CA ILE B 226 9.45 -25.35 22.20
C ILE B 226 8.19 -25.19 22.97
N SER B 227 7.51 -26.28 23.27
CA SER B 227 6.29 -26.23 24.09
C SER B 227 6.43 -27.25 25.29
N THR B 228 5.84 -26.88 26.42
CA THR B 228 5.84 -27.67 27.63
C THR B 228 4.40 -28.05 27.92
N PRO B 229 4.16 -29.31 28.18
CA PRO B 229 2.86 -29.75 28.52
C PRO B 229 2.36 -29.26 29.84
N GLN B 230 1.06 -29.30 30.01
CA GLN B 230 0.45 -28.78 31.18
C GLN B 230 0.83 -29.62 32.40
N SER B 231 0.76 -30.95 32.29
CA SER B 231 1.20 -31.81 33.39
C SER B 231 2.61 -32.30 33.16
N GLU B 232 3.34 -32.38 34.23
CA GLU B 232 4.76 -32.69 34.16
C GLU B 232 4.98 -34.11 33.55
N PHE B 233 5.95 -34.23 32.71
CA PHE B 233 6.37 -35.47 32.11
C PHE B 233 7.86 -35.49 32.20
N THR B 234 8.38 -35.77 33.39
CA THR B 234 9.81 -35.73 33.69
C THR B 234 10.18 -36.83 34.68
N LEU B 235 11.47 -37.14 34.74
CA LEU B 235 11.96 -38.12 35.71
C LEU B 235 11.70 -37.62 37.14
N PRO B 236 11.59 -38.53 38.08
CA PRO B 236 11.60 -38.11 39.51
C PRO B 236 12.85 -37.39 39.83
N LYS B 237 12.79 -36.51 40.80
CA LYS B 237 13.96 -35.84 41.37
C LYS B 237 14.98 -36.81 41.93
N ASP B 238 14.52 -37.82 42.61
CA ASP B 238 15.43 -38.84 43.15
C ASP B 238 15.63 -39.92 42.08
N PRO B 239 16.88 -40.10 41.59
CA PRO B 239 17.16 -41.18 40.63
C PRO B 239 16.96 -42.58 41.12
N GLU B 240 16.72 -42.79 42.44
CA GLU B 240 16.46 -44.11 43.01
C GLU B 240 15.00 -44.46 42.89
N THR B 241 14.17 -43.46 42.69
CA THR B 241 12.75 -43.74 42.60
C THR B 241 12.58 -44.58 41.33
N PRO B 242 11.86 -45.65 41.42
CA PRO B 242 11.73 -46.48 40.27
C PRO B 242 10.75 -45.92 39.20
N LEU B 243 10.92 -46.37 37.95
CA LEU B 243 10.14 -45.95 36.74
C LEU B 243 9.61 -47.14 36.03
N ILE B 244 8.38 -47.04 35.55
CA ILE B 244 7.80 -47.93 34.59
C ILE B 244 7.44 -47.01 33.36
N MET B 245 8.08 -47.28 32.22
CA MET B 245 7.84 -46.57 30.97
C MET B 245 7.29 -47.51 29.93
N VAL B 246 6.15 -47.14 29.32
CA VAL B 246 5.50 -47.92 28.29
C VAL B 246 5.42 -47.00 27.04
N GLY B 247 6.19 -47.38 26.00
CA GLY B 247 6.44 -46.57 24.85
C GLY B 247 6.66 -47.27 23.53
N PRO B 248 5.65 -47.91 23.00
CA PRO B 248 5.86 -48.68 21.73
C PRO B 248 5.87 -47.79 20.46
N GLY B 249 6.57 -48.25 19.45
CA GLY B 249 6.69 -47.42 18.23
C GLY B 249 7.37 -46.11 18.58
N THR B 250 6.88 -45.02 18.00
CA THR B 250 7.51 -43.74 18.25
C THR B 250 7.14 -43.21 19.62
N GLY B 251 6.26 -43.93 20.34
CA GLY B 251 6.07 -43.76 21.79
C GLY B 251 7.38 -43.78 22.60
N VAL B 252 8.43 -44.36 22.05
CA VAL B 252 9.71 -44.40 22.74
C VAL B 252 10.36 -43.06 22.78
N ALA B 253 9.92 -42.17 21.88
CA ALA B 253 10.57 -40.84 21.80
C ALA B 253 10.96 -40.23 23.13
N PRO B 254 10.01 -39.87 23.97
CA PRO B 254 10.49 -39.13 25.15
C PRO B 254 11.33 -39.96 26.11
N PHE B 255 11.15 -41.27 26.06
CA PHE B 255 11.92 -42.17 26.89
C PHE B 255 13.37 -42.22 26.51
N ARG B 256 13.70 -41.98 25.24
CA ARG B 256 15.09 -41.88 24.83
C ARG B 256 15.74 -40.70 25.53
N GLY B 257 14.94 -39.64 25.72
CA GLY B 257 15.37 -38.50 26.56
C GLY B 257 15.67 -38.91 27.98
N PHE B 258 14.75 -39.62 28.57
CA PHE B 258 14.87 -40.11 29.96
C PHE B 258 16.16 -40.98 30.06
N VAL B 259 16.42 -41.84 29.06
CA VAL B 259 17.59 -42.75 29.05
C VAL B 259 18.90 -41.97 28.96
N GLN B 260 18.95 -40.97 28.11
CA GLN B 260 20.11 -40.09 28.08
C GLN B 260 20.36 -39.46 29.40
N ALA B 261 19.33 -38.92 30.01
CA ALA B 261 19.49 -38.26 31.30
C ALA B 261 20.00 -39.23 32.38
N ARG B 262 19.45 -40.44 32.43
CA ARG B 262 19.87 -41.38 33.47
C ARG B 262 21.32 -41.84 33.22
N LYS B 263 21.67 -41.97 31.95
CA LYS B 263 23.01 -42.26 31.56
C LYS B 263 24.01 -41.16 31.93
N GLN B 264 23.60 -39.89 31.99
N GLN B 264 23.59 -39.91 31.89
CA GLN B 264 24.51 -38.79 32.42
CA GLN B 264 24.44 -38.83 32.40
C GLN B 264 24.58 -38.64 33.95
C GLN B 264 24.62 -39.09 33.89
N LEU B 265 23.51 -39.00 34.63
CA LEU B 265 23.56 -39.17 36.05
C LEU B 265 24.44 -40.38 36.51
N LYS B 266 24.41 -41.51 35.81
CA LYS B 266 25.20 -42.70 36.19
C LYS B 266 26.70 -42.57 35.90
N GLU B 267 27.04 -42.02 34.72
CA GLU B 267 28.44 -41.68 34.39
C GLU B 267 29.03 -40.57 35.27
N GLN B 268 28.19 -39.72 35.86
CA GLN B 268 28.64 -38.77 36.90
C GLN B 268 28.59 -39.44 38.27
N GLY B 269 28.65 -40.77 38.29
CA GLY B 269 28.60 -41.56 39.54
C GLY B 269 27.38 -41.58 40.47
N GLN B 270 26.29 -40.84 40.18
CA GLN B 270 25.08 -40.86 41.03
C GLN B 270 24.46 -42.24 40.75
N SER B 271 23.63 -42.79 41.63
CA SER B 271 23.17 -44.16 41.39
C SER B 271 21.65 -44.25 41.22
N LEU B 272 21.24 -45.23 40.43
CA LEU B 272 19.92 -45.31 39.82
C LEU B 272 19.08 -46.48 40.37
N GLY B 273 17.78 -46.30 40.45
CA GLY B 273 16.89 -47.37 40.85
C GLY B 273 16.51 -48.20 39.64
N GLU B 274 15.52 -49.06 39.82
CA GLU B 274 14.88 -49.82 38.76
C GLU B 274 14.22 -48.84 37.70
N ALA B 275 14.28 -49.20 36.42
CA ALA B 275 13.56 -48.46 35.32
C ALA B 275 13.25 -49.38 34.19
N HIS B 276 12.00 -49.79 34.13
CA HIS B 276 11.50 -50.72 33.14
C HIS B 276 10.88 -50.01 31.93
N LEU B 277 11.44 -50.23 30.74
CA LEU B 277 10.90 -49.78 29.48
C LEU B 277 10.24 -50.92 28.78
N TYR B 278 8.94 -50.83 28.57
CA TYR B 278 8.19 -51.68 27.70
C TYR B 278 8.11 -51.02 26.32
N PHE B 279 8.81 -51.66 25.37
CA PHE B 279 8.94 -51.22 23.98
C PHE B 279 8.28 -52.27 23.10
N GLY B 280 7.50 -51.81 22.15
CA GLY B 280 6.90 -52.68 21.21
C GLY B 280 7.09 -52.21 19.78
N CYS B 281 7.26 -53.15 18.85
CA CYS B 281 7.23 -52.90 17.41
C CYS B 281 6.93 -54.16 16.60
N ARG B 282 6.94 -54.04 15.28
CA ARG B 282 6.60 -55.16 14.45
C ARG B 282 7.66 -56.29 14.57
N SER B 283 8.92 -55.95 14.51
CA SER B 283 9.95 -56.91 14.45
C SER B 283 11.27 -56.32 14.78
N PRO B 284 12.15 -57.09 15.44
CA PRO B 284 13.49 -56.60 15.77
C PRO B 284 14.37 -56.36 14.57
N HIS B 285 13.93 -56.87 13.44
CA HIS B 285 14.66 -56.70 12.22
C HIS B 285 13.99 -55.72 11.22
N GLU B 286 13.13 -54.84 11.71
CA GLU B 286 12.38 -53.89 10.89
C GLU B 286 12.36 -52.50 11.58
N ASP B 287 11.74 -52.41 12.78
CA ASP B 287 11.38 -51.10 13.31
C ASP B 287 11.67 -50.94 14.78
N TYR B 288 12.78 -51.56 15.20
CA TYR B 288 13.24 -51.47 16.53
C TYR B 288 14.00 -50.21 16.69
N LEU B 289 13.30 -49.15 17.00
CA LEU B 289 13.91 -47.82 16.97
C LEU B 289 14.95 -47.74 18.08
N TYR B 290 16.09 -47.14 17.79
CA TYR B 290 17.11 -46.86 18.79
C TYR B 290 17.60 -48.20 19.48
N GLN B 291 17.56 -49.30 18.74
CA GLN B 291 17.90 -50.64 19.30
C GLN B 291 19.26 -50.67 19.95
N GLU B 292 20.29 -50.21 19.23
CA GLU B 292 21.68 -50.20 19.79
C GLU B 292 21.75 -49.32 21.01
N GLU B 293 21.20 -48.10 20.98
CA GLU B 293 21.31 -47.23 22.18
C GLU B 293 20.62 -47.82 23.38
N LEU B 294 19.50 -48.47 23.14
CA LEU B 294 18.70 -48.98 24.22
C LEU B 294 19.32 -50.27 24.81
N GLU B 295 19.83 -51.16 23.96
CA GLU B 295 20.51 -52.44 24.44
C GLU B 295 21.81 -52.02 25.15
N ASN B 296 22.46 -50.98 24.66
CA ASN B 296 23.61 -50.47 25.37
C ASN B 296 23.22 -49.93 26.75
N ALA B 297 22.06 -49.25 26.86
CA ALA B 297 21.69 -48.66 28.14
C ALA B 297 21.32 -49.79 29.10
N GLN B 298 20.76 -50.85 28.55
CA GLN B 298 20.40 -51.94 29.37
C GLN B 298 21.67 -52.64 29.93
N SER B 299 22.71 -52.79 29.10
CA SER B 299 24.01 -53.39 29.55
C SER B 299 24.62 -52.61 30.68
N GLU B 300 24.41 -51.29 30.68
CA GLU B 300 24.96 -50.45 31.71
C GLU B 300 24.06 -50.29 32.92
N GLY B 301 22.98 -51.05 33.03
CA GLY B 301 22.08 -50.89 34.19
C GLY B 301 21.20 -49.62 34.23
N ILE B 302 21.16 -48.87 33.13
CA ILE B 302 20.29 -47.68 33.08
C ILE B 302 18.83 -48.01 33.01
N ILE B 303 18.48 -49.15 32.44
CA ILE B 303 17.09 -49.58 32.25
C ILE B 303 17.12 -51.08 32.10
N THR B 304 15.97 -51.67 32.31
CA THR B 304 15.67 -53.00 31.93
C THR B 304 14.63 -52.93 30.82
N LEU B 305 14.93 -53.54 29.66
CA LEU B 305 14.07 -53.55 28.49
C LEU B 305 13.19 -54.71 28.50
N HIS B 306 11.92 -54.51 28.15
CA HIS B 306 11.00 -55.55 27.87
C HIS B 306 10.39 -55.31 26.48
N THR B 307 10.63 -56.24 25.54
CA THR B 307 10.22 -56.04 24.16
C THR B 307 9.03 -56.86 23.83
N ALA B 308 8.17 -56.33 22.95
CA ALA B 308 7.01 -57.00 22.50
C ALA B 308 6.95 -56.82 20.98
N PHE B 309 7.24 -57.89 20.28
CA PHE B 309 7.22 -57.90 18.81
C PHE B 309 5.89 -58.42 18.28
N SER B 310 5.28 -57.65 17.41
CA SER B 310 3.91 -57.95 17.00
C SER B 310 3.76 -58.72 15.68
N ARG B 311 4.79 -58.77 14.82
CA ARG B 311 4.65 -59.43 13.51
C ARG B 311 5.87 -60.32 13.26
N MET B 312 6.29 -61.11 14.21
CA MET B 312 7.40 -62.03 14.00
C MET B 312 6.87 -63.33 13.42
N PRO B 313 7.61 -63.89 12.43
CA PRO B 313 7.12 -65.08 11.73
C PRO B 313 6.73 -66.26 12.64
N ASN B 314 7.61 -66.66 13.55
CA ASN B 314 7.31 -67.88 14.29
C ASN B 314 6.33 -67.64 15.47
N GLN B 315 6.38 -66.39 15.97
CA GLN B 315 5.87 -66.05 17.31
C GLN B 315 4.46 -65.45 17.30
N PRO B 316 3.70 -65.63 18.41
CA PRO B 316 2.38 -64.99 18.37
C PRO B 316 2.53 -63.44 18.47
N LYS B 317 1.54 -62.72 17.95
CA LYS B 317 1.39 -61.30 18.09
C LYS B 317 1.44 -60.90 19.59
N THR B 318 2.51 -60.20 19.99
CA THR B 318 2.68 -59.72 21.34
C THR B 318 2.71 -58.18 21.38
N TYR B 319 1.84 -57.62 22.21
CA TYR B 319 1.78 -56.18 22.52
C TYR B 319 2.36 -55.96 23.94
N VAL B 320 2.73 -54.72 24.26
CA VAL B 320 3.28 -54.34 25.53
C VAL B 320 2.37 -54.69 26.74
N GLN B 321 1.06 -54.55 26.61
CA GLN B 321 0.15 -54.95 27.68
C GLN B 321 0.21 -56.46 28.00
N HIS B 322 0.50 -57.28 26.97
CA HIS B 322 0.60 -58.76 27.16
C HIS B 322 1.71 -59.07 28.13
N VAL B 323 2.83 -58.37 28.00
CA VAL B 323 4.00 -58.56 28.77
C VAL B 323 3.81 -57.93 30.17
N MET B 324 3.24 -56.73 30.22
CA MET B 324 2.85 -56.15 31.47
C MET B 324 1.85 -57.05 32.18
N GLU B 325 0.92 -57.67 31.47
CA GLU B 325 -0.05 -58.55 32.13
C GLU B 325 0.59 -59.73 32.85
N GLN B 326 1.73 -60.21 32.33
CA GLN B 326 2.58 -61.25 32.94
C GLN B 326 3.40 -60.71 34.05
N ASP B 327 3.79 -59.45 33.93
CA ASP B 327 4.71 -58.86 34.92
C ASP B 327 3.89 -58.14 36.04
N GLY B 328 2.60 -58.30 35.98
CA GLY B 328 1.66 -57.51 36.78
C GLY B 328 1.88 -57.46 38.27
N LYS B 329 2.26 -58.60 38.87
CA LYS B 329 2.53 -58.59 40.29
C LYS B 329 3.58 -57.65 40.62
N LYS B 330 4.68 -57.75 39.92
CA LYS B 330 5.84 -56.94 40.27
C LYS B 330 5.64 -55.43 39.90
N LEU B 331 4.75 -55.16 38.95
CA LEU B 331 4.63 -53.77 38.45
C LEU B 331 3.81 -53.07 39.57
N ILE B 332 2.68 -53.68 39.94
CA ILE B 332 1.72 -53.20 40.92
C ILE B 332 2.38 -53.13 42.26
N GLU B 333 3.38 -53.98 42.50
CA GLU B 333 4.27 -53.81 43.64
C GLU B 333 5.13 -52.58 43.57
N LEU B 334 5.95 -52.42 42.53
CA LEU B 334 6.76 -51.17 42.42
C LEU B 334 5.87 -49.89 42.51
N LEU B 335 4.63 -49.97 42.04
CA LEU B 335 3.76 -48.79 42.14
C LEU B 335 3.29 -48.59 43.63
N ASP B 336 2.89 -49.70 44.29
CA ASP B 336 2.65 -49.74 45.75
C ASP B 336 3.85 -49.10 46.47
N GLN B 337 5.09 -49.36 46.04
CA GLN B 337 6.28 -48.67 46.62
C GLN B 337 6.73 -47.22 46.13
N GLY B 338 5.85 -46.46 45.44
CA GLY B 338 6.20 -45.09 44.92
C GLY B 338 6.81 -44.90 43.49
N ALA B 339 6.70 -45.94 42.65
CA ALA B 339 7.19 -45.90 41.27
C ALA B 339 6.44 -44.80 40.52
N HIS B 340 7.09 -44.15 39.57
CA HIS B 340 6.35 -43.36 38.57
C HIS B 340 6.11 -44.19 37.28
N PHE B 341 4.88 -44.08 36.76
CA PHE B 341 4.42 -44.72 35.56
C PHE B 341 4.19 -43.73 34.40
N TYR B 342 4.69 -44.06 33.21
CA TYR B 342 4.64 -43.19 32.02
C TYR B 342 4.18 -44.00 30.87
N ILE B 343 3.21 -43.46 30.12
CA ILE B 343 2.83 -43.98 28.82
C ILE B 343 3.04 -42.86 27.77
N CYS B 344 3.59 -43.24 26.61
CA CYS B 344 3.73 -42.37 25.49
C CYS B 344 3.37 -43.17 24.21
N GLY B 345 2.92 -42.43 23.18
CA GLY B 345 2.60 -43.02 21.90
C GLY B 345 1.14 -43.06 21.64
N ASP B 346 0.70 -44.13 20.99
CA ASP B 346 -0.72 -44.16 20.50
C ASP B 346 -1.73 -44.10 21.63
N GLY B 347 -2.57 -43.06 21.64
CA GLY B 347 -3.60 -42.91 22.64
C GLY B 347 -4.96 -43.47 22.24
N SER B 348 -5.12 -43.85 20.98
CA SER B 348 -6.38 -44.39 20.47
C SER B 348 -6.67 -45.81 20.95
N GLN B 349 -5.66 -46.69 20.93
CA GLN B 349 -5.87 -48.10 21.32
C GLN B 349 -4.85 -48.63 22.31
N MET B 350 -3.55 -48.41 22.08
CA MET B 350 -2.56 -48.88 23.04
C MET B 350 -2.74 -48.28 24.47
N ALA B 351 -2.79 -46.97 24.63
CA ALA B 351 -2.79 -46.40 26.02
C ALA B 351 -4.03 -46.86 26.81
N PRO B 352 -5.18 -46.91 26.22
CA PRO B 352 -6.30 -47.38 27.03
C PRO B 352 -6.17 -48.85 27.40
N ALA B 353 -5.61 -49.66 26.47
CA ALA B 353 -5.41 -51.10 26.77
C ALA B 353 -4.37 -51.29 27.82
N VAL B 354 -3.32 -50.50 27.76
CA VAL B 354 -2.32 -50.57 28.79
C VAL B 354 -2.89 -50.14 30.19
N GLU B 355 -3.62 -49.06 30.19
CA GLU B 355 -4.32 -48.63 31.39
C GLU B 355 -5.29 -49.76 31.92
N ALA B 356 -6.06 -50.42 31.07
CA ALA B 356 -7.00 -51.44 31.52
C ALA B 356 -6.21 -52.58 32.08
N THR B 357 -5.03 -52.85 31.50
CA THR B 357 -4.20 -53.97 31.97
C THR B 357 -3.68 -53.67 33.32
N LEU B 358 -3.16 -52.47 33.47
CA LEU B 358 -2.57 -52.14 34.75
C LEU B 358 -3.66 -52.11 35.87
N MET B 359 -4.86 -51.62 35.58
CA MET B 359 -6.00 -51.59 36.53
C MET B 359 -6.57 -53.02 36.80
N LYS B 360 -6.76 -53.86 35.77
CA LYS B 360 -7.05 -55.31 35.97
C LYS B 360 -5.99 -55.97 36.81
N SER B 361 -4.72 -55.58 36.68
CA SER B 361 -3.69 -56.18 37.52
C SER B 361 -3.77 -55.66 38.97
N TYR B 362 -4.17 -54.39 39.14
CA TYR B 362 -4.42 -53.83 40.44
C TYR B 362 -5.62 -54.51 41.08
N ALA B 363 -6.72 -54.61 40.35
CA ALA B 363 -7.93 -55.20 40.86
C ALA B 363 -7.74 -56.67 41.21
N ASP B 364 -7.12 -57.45 40.32
CA ASP B 364 -6.73 -58.84 40.66
C ASP B 364 -5.82 -58.88 41.95
N VAL B 365 -4.79 -58.08 42.05
CA VAL B 365 -3.84 -58.23 43.21
C VAL B 365 -4.37 -57.68 44.61
N HIS B 366 -5.27 -56.69 44.62
CA HIS B 366 -5.78 -56.09 45.90
C HIS B 366 -7.26 -56.55 46.14
N GLN B 367 -7.78 -57.24 45.16
CA GLN B 367 -9.04 -57.91 45.27
C GLN B 367 -10.14 -56.87 45.44
N VAL B 368 -10.15 -55.88 44.51
CA VAL B 368 -11.14 -54.83 44.52
C VAL B 368 -11.94 -54.69 43.20
N SER B 369 -12.93 -53.81 43.20
CA SER B 369 -13.79 -53.62 42.03
C SER B 369 -13.00 -52.95 40.87
N GLU B 370 -13.45 -53.17 39.64
CA GLU B 370 -12.97 -52.38 38.50
C GLU B 370 -13.08 -50.86 38.84
N ALA B 371 -14.10 -50.55 39.67
CA ALA B 371 -14.42 -49.19 40.13
C ALA B 371 -13.38 -48.64 41.10
N ASP B 372 -12.97 -49.44 42.08
CA ASP B 372 -11.88 -49.04 42.99
C ASP B 372 -10.56 -48.87 42.22
N ALA B 373 -10.36 -49.65 41.17
CA ALA B 373 -9.08 -49.68 40.49
C ALA B 373 -8.98 -48.43 39.61
N ARG B 374 -10.08 -48.01 38.99
CA ARG B 374 -10.16 -46.75 38.25
C ARG B 374 -9.79 -45.59 39.17
N LEU B 375 -10.36 -45.59 40.37
CA LEU B 375 -10.09 -44.55 41.37
C LEU B 375 -8.62 -44.55 41.80
N TRP B 376 -8.02 -45.73 41.97
CA TRP B 376 -6.59 -45.77 42.35
C TRP B 376 -5.70 -45.15 41.29
N LEU B 377 -5.99 -45.41 40.03
CA LEU B 377 -5.19 -44.88 38.90
C LEU B 377 -5.36 -43.34 38.72
N GLN B 378 -6.56 -42.85 39.03
CA GLN B 378 -6.90 -41.42 38.95
C GLN B 378 -6.12 -40.72 39.97
N GLN B 379 -6.14 -41.27 41.16
CA GLN B 379 -5.35 -40.74 42.26
C GLN B 379 -3.86 -40.71 41.92
N LEU B 380 -3.37 -41.78 41.27
CA LEU B 380 -1.95 -41.92 40.97
C LEU B 380 -1.56 -40.75 40.08
N GLU B 381 -2.46 -40.42 39.14
CA GLU B 381 -2.31 -39.29 38.27
C GLU B 381 -2.31 -37.98 39.05
N GLU B 382 -3.22 -37.85 40.01
CA GLU B 382 -3.30 -36.68 40.91
C GLU B 382 -2.03 -36.50 41.72
N LYS B 383 -1.45 -37.60 42.22
CA LYS B 383 -0.16 -37.51 42.93
C LYS B 383 1.05 -37.22 42.03
N GLY B 384 0.86 -37.13 40.72
CA GLY B 384 2.02 -36.86 39.90
C GLY B 384 2.80 -38.13 39.52
N ARG B 385 2.20 -39.30 39.52
CA ARG B 385 3.00 -40.51 39.30
C ARG B 385 2.43 -41.37 38.21
N TYR B 386 1.44 -40.85 37.49
CA TYR B 386 1.01 -41.46 36.26
C TYR B 386 0.99 -40.30 35.26
N ALA B 387 1.96 -40.24 34.35
CA ALA B 387 2.09 -39.24 33.32
C ALA B 387 1.85 -39.85 31.91
N LYS B 388 1.19 -39.05 31.02
CA LYS B 388 0.92 -39.44 29.62
C LYS B 388 1.46 -38.44 28.58
N ASP B 389 1.99 -39.00 27.48
CA ASP B 389 2.31 -38.22 26.25
C ASP B 389 1.84 -39.00 25.05
N VAL B 390 0.53 -39.03 24.91
CA VAL B 390 -0.16 -39.85 23.97
C VAL B 390 -0.82 -39.01 22.86
N TRP B 391 -1.03 -39.59 21.69
CA TRP B 391 -1.58 -38.82 20.56
C TRP B 391 -2.34 -39.73 19.63
N ALA B 392 -3.23 -39.18 18.84
CA ALA B 392 -3.96 -39.98 17.81
C ALA B 392 -3.11 -40.12 16.57
N GLY B 393 -3.07 -41.33 16.03
CA GLY B 393 -2.42 -41.63 14.70
C GLY B 393 -3.47 -41.41 13.62
#